data_6PWC
#
_entry.id   6PWC
#
_cell.length_a   1.00
_cell.length_b   1.00
_cell.length_c   1.00
_cell.angle_alpha   90.00
_cell.angle_beta   90.00
_cell.angle_gamma   90.00
#
_symmetry.space_group_name_H-M   'P 1'
#
loop_
_entity.id
_entity.type
_entity.pdbx_description
1 polymer 'Neurotensin receptor type 1'
2 polymer 'Neurotensin peptide'
3 polymer Beta-arrestin-1
4 polymer 'Fab30 heavy chain'
5 polymer 'Fab30 light chain'
#
loop_
_entity_poly.entity_id
_entity_poly.type
_entity_poly.pdbx_seq_one_letter_code
_entity_poly.pdbx_strand_id
1 'polypeptide(L)'
;APSSELDVNTDIYSKVLVTAVYLALFVVGTVGNTVTAFTLARKKSLQSLQSTVHYHLGSLALSDLLTLLLAMPVELYNFI
WVHHPWAFGDAGCRGYYFLRDACTYATALNVASLSVERYLAICHPFKAKTLMSRSRTKKFISAIWLASALLAVPMLFTMG
EQNRSADGQHAGGLVCTPTIHTATVKVVIQVNTFMSFIFPMVVISVLNTIIANKLTVMVRQAAEQGQVCTVGGEHSTFSM
AIEPGRVQALRHGVRVLRAVVIAFVVCWLPYHVRRLMFCYISDEQWTPFLYDFYHYFYMVTNALFYVSSTINPILYNLVS
ANFRHIFLATLACLCPVWRRRRKRPAFSRKADSVSSNHTLSSNATRETLY
;
R
2 'polypeptide(L)' RRPYIL B
3 'polypeptide(L)'
;MGDKGTRVFKKASPNGKLTVYLGKRDFVDHIDLVDPVDGVVLVDPEYLKERRVYVTLTCAFRYGREDLDVLGLTFRKDLF
CANVQSFPPAPEDKKPLTRLQERLIKKLGEHAYPFTFEIPPNLPCSVTLQPGPEDTGKACGVDYEVKAFCAENLEEKIHK
RNSVRLVIRKVQYAPERPGPQPTAETTRQFLMSDKPLHLEASLDKEIYYHGEPISVNVHVTNNTNKTVKKIKISVRQYAD
ICLFNTAQYKCPVAMEEADDTVAPSSTFCKVYTLTPFLCNNREKRGLALDGKLKHEDTNLASSTLLREGANREILGIIVS
YKVKVKLVVSRGGLLGDLASSDVAVELPFTLMHPKPKEEPPHREVPENETPVDTNLIELDTNDDDAAAEDFAR
;
A
4 'polypeptide(L)'
;MEISEVQLVESGGGLVQPGGSLRLSCAASGFNVYSSSIHWVRQAPGKGLEWVASISSYYCYTYYADSVKGRFTISADTSK
NTAYLQMNSLRAEDTAVYYCARSRQFWYSGLDYWGQGTLVTVSSASTKGPSVFPLAPSSKSTSGGTAALGCLVKDYFPEP
VTVSWNSGALTSGVHTFPAVLQSSGLYSLSSVVTVPSSSLGTQTYICNVNHKPSNTKVDKKVEPKSCDKTHHHHHHHH
;
H
5 'polypeptide(L)'
;SDIQMTQSPSSLSASVGDRVTITCRASQSVSSAVAWYQQKPGKAPKLLIYSASSLYSGVPSRFSGSRSGTDFTLTISSLQ
PEDFATYYCQQYKYVPVTFGQGTKVEIKRTVAAPSVFIFPPSDSQLKSGTASVVCLLNNFYPREAKVQWKVDNALQSGNS
QESVTEQDSKDSTYSLSSTLTLSKADYEKHKVYACEVTHQGLSSPVTKSFNRGEC
;
L
#
# COMPACT_ATOMS: atom_id res chain seq x y z
N ALA A 1 53.76 -9.15 -58.95
CA ALA A 1 52.58 -8.42 -58.48
C ALA A 1 52.95 -7.48 -57.34
N PRO A 2 52.30 -6.30 -57.31
CA PRO A 2 52.53 -5.37 -56.19
C PRO A 2 52.08 -5.91 -54.84
N SER A 3 51.00 -6.69 -54.80
CA SER A 3 50.44 -7.21 -53.56
C SER A 3 50.72 -8.70 -53.38
N SER A 4 51.76 -9.23 -54.04
CA SER A 4 52.07 -10.66 -53.98
C SER A 4 52.56 -11.09 -52.60
N GLU A 5 53.10 -10.16 -51.80
CA GLU A 5 53.61 -10.49 -50.47
C GLU A 5 52.55 -10.30 -49.38
N LEU A 6 51.36 -9.84 -49.73
CA LEU A 6 50.32 -9.53 -48.75
C LEU A 6 49.25 -10.62 -48.67
N ASP A 7 49.32 -11.64 -49.52
CA ASP A 7 48.34 -12.71 -49.55
C ASP A 7 48.36 -13.52 -48.26
N VAL A 8 47.22 -13.58 -47.58
CA VAL A 8 47.05 -14.33 -46.35
C VAL A 8 46.00 -15.41 -46.61
N ASN A 9 46.32 -16.65 -46.27
CA ASN A 9 45.58 -17.81 -46.73
C ASN A 9 44.67 -18.29 -45.60
N THR A 10 43.37 -18.32 -45.87
CA THR A 10 42.40 -18.76 -44.88
C THR A 10 41.17 -19.33 -45.56
N ASP A 11 40.42 -20.12 -44.81
CA ASP A 11 39.18 -20.71 -45.30
C ASP A 11 38.12 -19.62 -45.42
N ILE A 12 37.58 -19.45 -46.63
CA ILE A 12 36.55 -18.44 -46.88
C ILE A 12 35.28 -18.72 -46.07
N TYR A 13 34.93 -19.99 -45.87
CA TYR A 13 33.74 -20.33 -45.10
C TYR A 13 33.94 -20.02 -43.62
N SER A 14 35.16 -20.21 -43.11
CA SER A 14 35.49 -19.80 -41.75
C SER A 14 35.42 -18.29 -41.60
N LYS A 15 35.86 -17.55 -42.63
CA LYS A 15 35.74 -16.10 -42.61
C LYS A 15 34.29 -15.64 -42.59
N VAL A 16 33.42 -16.31 -43.35
CA VAL A 16 32.00 -16.00 -43.36
C VAL A 16 31.36 -16.29 -42.01
N LEU A 17 31.71 -17.43 -41.41
CA LEU A 17 31.14 -17.80 -40.10
C LEU A 17 31.61 -16.85 -38.99
N VAL A 18 32.89 -16.50 -38.98
CA VAL A 18 33.42 -15.57 -37.97
C VAL A 18 32.85 -14.17 -38.19
N THR A 19 32.63 -13.77 -39.44
CA THR A 19 32.00 -12.48 -39.72
C THR A 19 30.55 -12.45 -39.23
N ALA A 20 29.81 -13.55 -39.42
CA ALA A 20 28.44 -13.63 -38.92
C ALA A 20 28.40 -13.62 -37.39
N VAL A 21 29.33 -14.32 -36.73
CA VAL A 21 29.42 -14.30 -35.27
C VAL A 21 29.78 -12.90 -34.77
N TYR A 22 30.68 -12.21 -35.49
CA TYR A 22 31.03 -10.83 -35.14
C TYR A 22 29.84 -9.89 -35.26
N LEU A 23 29.06 -10.02 -36.33
CA LEU A 23 27.89 -9.17 -36.52
C LEU A 23 26.82 -9.45 -35.45
N ALA A 24 26.60 -10.72 -35.12
CA ALA A 24 25.62 -11.09 -34.10
C ALA A 24 26.04 -10.57 -32.73
N LEU A 25 27.33 -10.76 -32.37
CA LEU A 25 27.82 -10.31 -31.09
C LEU A 25 27.83 -8.78 -30.99
N PHE A 26 28.11 -8.11 -32.12
CA PHE A 26 28.07 -6.65 -32.14
C PHE A 26 26.66 -6.13 -31.92
N VAL A 27 25.66 -6.72 -32.58
CA VAL A 27 24.28 -6.29 -32.40
C VAL A 27 23.80 -6.57 -30.98
N VAL A 28 24.13 -7.74 -30.44
CA VAL A 28 23.71 -8.10 -29.08
C VAL A 28 24.37 -7.18 -28.05
N GLY A 29 25.67 -6.95 -28.19
CA GLY A 29 26.37 -6.05 -27.28
C GLY A 29 25.89 -4.60 -27.36
N THR A 30 25.58 -4.13 -28.57
CA THR A 30 25.10 -2.76 -28.75
C THR A 30 23.73 -2.57 -28.11
N VAL A 31 22.81 -3.52 -28.36
CA VAL A 31 21.49 -3.47 -27.74
C VAL A 31 21.59 -3.62 -26.22
N GLY A 32 22.50 -4.47 -25.74
CA GLY A 32 22.73 -4.61 -24.31
C GLY A 32 23.21 -3.33 -23.65
N ASN A 33 24.17 -2.64 -24.29
CA ASN A 33 24.68 -1.40 -23.73
C ASN A 33 23.64 -0.29 -23.78
N THR A 34 22.83 -0.24 -24.85
CA THR A 34 21.78 0.78 -24.94
C THR A 34 20.69 0.56 -23.90
N VAL A 35 20.27 -0.70 -23.70
CA VAL A 35 19.29 -1.01 -22.68
C VAL A 35 19.87 -0.80 -21.27
N THR A 36 21.17 -1.06 -21.09
CA THR A 36 21.84 -0.77 -19.82
C THR A 36 21.81 0.72 -19.51
N ALA A 37 22.11 1.56 -20.50
CA ALA A 37 22.00 3.00 -20.33
C ALA A 37 20.56 3.43 -20.05
N PHE A 38 19.58 2.79 -20.69
CA PHE A 38 18.17 3.14 -20.44
C PHE A 38 17.74 2.75 -19.04
N THR A 39 18.18 1.60 -18.53
CA THR A 39 17.87 1.22 -17.15
C THR A 39 18.59 2.13 -16.16
N LEU A 40 19.81 2.54 -16.51
CA LEU A 40 20.57 3.47 -15.69
C LEU A 40 19.89 4.82 -15.58
N ALA A 41 19.25 5.26 -16.67
CA ALA A 41 18.45 6.48 -16.62
C ALA A 41 17.14 6.24 -15.86
N ARG A 42 16.52 5.08 -16.05
CA ARG A 42 15.22 4.79 -15.47
C ARG A 42 15.25 4.58 -13.96
N LYS A 43 16.41 4.22 -13.40
CA LYS A 43 16.47 3.92 -11.98
C LYS A 43 16.79 5.13 -11.12
N LYS A 44 16.74 6.34 -11.68
CA LYS A 44 17.01 7.55 -10.92
C LYS A 44 15.91 7.90 -9.92
N SER A 45 14.71 7.32 -10.08
CA SER A 45 13.60 7.62 -9.18
C SER A 45 13.69 6.87 -7.85
N LEU A 46 14.64 5.95 -7.69
CA LEU A 46 14.78 5.21 -6.45
C LEU A 46 15.44 6.10 -5.40
N GLN A 47 14.79 6.21 -4.24
CA GLN A 47 15.28 7.10 -3.18
C GLN A 47 16.54 6.55 -2.53
N SER A 48 16.60 5.25 -2.31
CA SER A 48 17.75 4.60 -1.67
C SER A 48 18.81 4.17 -2.67
N LEU A 49 18.74 4.65 -3.91
CA LEU A 49 19.68 4.25 -4.96
C LEU A 49 21.10 4.69 -4.66
N GLN A 50 22.05 3.78 -4.88
CA GLN A 50 23.47 4.06 -4.74
C GLN A 50 23.98 4.59 -6.08
N SER A 51 24.22 5.91 -6.14
CA SER A 51 24.58 6.55 -7.39
C SER A 51 25.98 6.15 -7.87
N THR A 52 26.85 5.72 -6.95
CA THR A 52 28.20 5.30 -7.34
C THR A 52 28.16 4.02 -8.15
N VAL A 53 27.24 3.10 -7.82
CA VAL A 53 27.06 1.87 -8.59
C VAL A 53 26.57 2.22 -9.99
N HIS A 54 25.67 3.20 -10.07
CA HIS A 54 25.18 3.72 -11.35
C HIS A 54 26.31 4.35 -12.16
N TYR A 55 27.23 5.05 -11.51
CA TYR A 55 28.37 5.65 -12.20
C TYR A 55 29.31 4.59 -12.76
N HIS A 56 29.63 3.57 -11.96
CA HIS A 56 30.52 2.51 -12.42
C HIS A 56 29.88 1.69 -13.54
N LEU A 57 28.59 1.36 -13.40
CA LEU A 57 27.87 0.63 -14.44
C LEU A 57 27.80 1.42 -15.74
N GLY A 58 27.50 2.72 -15.65
CA GLY A 58 27.47 3.56 -16.83
C GLY A 58 28.82 3.70 -17.50
N SER A 59 29.89 3.82 -16.71
CA SER A 59 31.24 3.89 -17.26
C SER A 59 31.63 2.59 -17.96
N LEU A 60 31.30 1.45 -17.35
CA LEU A 60 31.59 0.15 -17.96
C LEU A 60 30.80 -0.05 -19.25
N ALA A 61 29.53 0.37 -19.25
CA ALA A 61 28.68 0.25 -20.44
C ALA A 61 29.19 1.14 -21.57
N LEU A 62 29.50 2.40 -21.25
CA LEU A 62 30.13 3.33 -22.20
C LEU A 62 31.42 2.77 -22.78
N SER A 63 32.26 2.16 -21.93
CA SER A 63 33.51 1.57 -22.39
C SER A 63 33.28 0.40 -23.33
N ASP A 64 32.31 -0.47 -23.00
CA ASP A 64 32.01 -1.61 -23.86
C ASP A 64 31.40 -1.16 -25.20
N LEU A 65 30.55 -0.14 -25.17
CA LEU A 65 29.96 0.37 -26.39
C LEU A 65 31.00 1.04 -27.28
N LEU A 66 31.90 1.83 -26.67
CA LEU A 66 32.97 2.47 -27.43
C LEU A 66 33.96 1.46 -28.01
N THR A 67 34.32 0.41 -27.26
CA THR A 67 35.23 -0.60 -27.80
C THR A 67 34.57 -1.36 -28.95
N LEU A 68 33.29 -1.70 -28.83
CA LEU A 68 32.61 -2.42 -29.92
C LEU A 68 32.47 -1.54 -31.17
N LEU A 69 32.05 -0.28 -30.98
CA LEU A 69 31.85 0.64 -32.09
C LEU A 69 33.15 1.00 -32.78
N LEU A 70 34.26 1.09 -32.03
CA LEU A 70 35.54 1.31 -32.68
C LEU A 70 36.08 0.04 -33.32
N ALA A 71 35.86 -1.11 -32.68
CA ALA A 71 36.50 -2.35 -33.10
C ALA A 71 35.91 -2.88 -34.40
N MET A 72 34.58 -2.77 -34.58
CA MET A 72 33.93 -3.44 -35.71
C MET A 72 34.37 -2.98 -37.10
N PRO A 73 34.38 -1.68 -37.47
CA PRO A 73 34.75 -1.34 -38.87
C PRO A 73 36.20 -1.62 -39.24
N VAL A 74 37.17 -1.30 -38.37
CA VAL A 74 38.57 -1.50 -38.71
C VAL A 74 38.92 -2.98 -38.78
N GLU A 75 38.39 -3.79 -37.85
CA GLU A 75 38.65 -5.22 -37.89
C GLU A 75 37.99 -5.86 -39.11
N LEU A 76 36.79 -5.38 -39.49
CA LEU A 76 36.16 -5.89 -40.71
C LEU A 76 36.96 -5.49 -41.96
N TYR A 77 37.51 -4.27 -41.97
CA TYR A 77 38.36 -3.83 -43.07
C TYR A 77 39.66 -4.65 -43.14
N ASN A 78 40.27 -4.92 -41.99
CA ASN A 78 41.50 -5.70 -41.94
C ASN A 78 41.26 -7.14 -42.36
N PHE A 79 40.11 -7.71 -41.99
CA PHE A 79 39.83 -9.10 -42.31
C PHE A 79 39.39 -9.27 -43.76
N ILE A 80 38.67 -8.29 -44.32
CA ILE A 80 38.21 -8.40 -45.69
C ILE A 80 39.30 -7.99 -46.67
N TRP A 81 39.92 -6.83 -46.43
CA TRP A 81 40.93 -6.29 -47.35
C TRP A 81 42.32 -6.75 -46.92
N VAL A 82 42.59 -8.02 -47.19
CA VAL A 82 43.90 -8.59 -46.84
C VAL A 82 44.98 -8.09 -47.78
N HIS A 83 44.62 -7.68 -48.99
CA HIS A 83 45.59 -7.10 -49.92
C HIS A 83 45.79 -5.60 -49.70
N HIS A 84 45.02 -4.99 -48.81
CA HIS A 84 45.14 -3.55 -48.53
C HIS A 84 44.83 -3.33 -47.06
N PRO A 85 45.81 -3.53 -46.17
CA PRO A 85 45.51 -3.54 -44.73
C PRO A 85 45.17 -2.19 -44.14
N TRP A 86 45.64 -1.08 -44.73
CA TRP A 86 45.34 0.25 -44.20
C TRP A 86 45.49 1.26 -45.34
N ALA A 87 44.37 1.61 -45.97
CA ALA A 87 44.38 2.65 -46.99
C ALA A 87 44.64 4.03 -46.40
N PHE A 88 44.26 4.24 -45.13
CA PHE A 88 44.32 5.55 -44.52
C PHE A 88 45.77 5.92 -44.17
N GLY A 89 45.94 7.19 -43.75
CA GLY A 89 47.24 7.71 -43.42
C GLY A 89 47.73 7.28 -42.05
N ASP A 90 48.98 7.68 -41.76
CA ASP A 90 49.61 7.37 -40.49
C ASP A 90 48.85 7.98 -39.32
N ALA A 91 48.30 9.19 -39.52
CA ALA A 91 47.54 9.86 -38.47
C ALA A 91 46.29 9.08 -38.07
N GLY A 92 45.57 8.54 -39.07
CA GLY A 92 44.40 7.73 -38.77
C GLY A 92 44.75 6.43 -38.05
N CYS A 93 45.83 5.78 -38.47
CA CYS A 93 46.29 4.55 -37.82
C CYS A 93 46.69 4.80 -36.37
N ARG A 94 47.46 5.86 -36.14
CA ARG A 94 47.88 6.22 -34.78
C ARG A 94 46.70 6.59 -33.91
N GLY A 95 45.75 7.37 -34.46
CA GLY A 95 44.57 7.76 -33.71
C GLY A 95 43.69 6.57 -33.35
N TYR A 96 43.56 5.61 -34.28
CA TYR A 96 42.66 4.50 -34.00
C TYR A 96 43.30 3.48 -33.06
N TYR A 97 44.59 3.22 -33.21
CA TYR A 97 45.22 2.28 -32.28
C TYR A 97 45.39 2.88 -30.90
N PHE A 98 45.61 4.21 -30.83
CA PHE A 98 45.57 4.93 -29.56
C PHE A 98 44.21 4.81 -28.89
N LEU A 99 43.13 5.05 -29.65
CA LEU A 99 41.78 4.97 -29.08
C LEU A 99 41.41 3.55 -28.68
N ARG A 100 41.86 2.54 -29.44
CA ARG A 100 41.56 1.16 -29.09
C ARG A 100 42.30 0.73 -27.83
N ASP A 101 43.58 1.08 -27.71
CA ASP A 101 44.34 0.74 -26.50
C ASP A 101 43.83 1.53 -25.28
N ALA A 102 43.43 2.78 -25.48
CA ALA A 102 42.87 3.58 -24.39
C ALA A 102 41.53 3.03 -23.94
N CYS A 103 40.68 2.59 -24.87
CA CYS A 103 39.41 2.00 -24.49
C CYS A 103 39.61 0.64 -23.80
N THR A 104 40.62 -0.12 -24.23
CA THR A 104 40.96 -1.37 -23.55
C THR A 104 41.40 -1.11 -22.10
N TYR A 105 42.26 -0.10 -21.89
CA TYR A 105 42.66 0.27 -20.54
C TYR A 105 41.49 0.80 -19.73
N ALA A 106 40.54 1.49 -20.38
CA ALA A 106 39.39 2.06 -19.68
C ALA A 106 38.43 0.96 -19.22
N THR A 107 38.15 -0.02 -20.08
CA THR A 107 37.26 -1.11 -19.66
C THR A 107 37.94 -2.02 -18.66
N ALA A 108 39.27 -2.18 -18.73
CA ALA A 108 39.98 -2.95 -17.71
C ALA A 108 39.93 -2.25 -16.35
N LEU A 109 40.10 -0.93 -16.34
CA LEU A 109 40.03 -0.18 -15.10
C LEU A 109 38.60 -0.11 -14.57
N ASN A 110 37.60 -0.15 -15.46
CA ASN A 110 36.21 -0.16 -15.02
C ASN A 110 35.83 -1.51 -14.38
N VAL A 111 36.31 -2.61 -14.96
CA VAL A 111 36.08 -3.93 -14.35
C VAL A 111 36.80 -4.03 -13.01
N ALA A 112 38.04 -3.51 -12.94
CA ALA A 112 38.78 -3.49 -11.68
C ALA A 112 38.09 -2.61 -10.63
N SER A 113 37.48 -1.50 -11.07
CA SER A 113 36.77 -0.62 -10.15
C SER A 113 35.51 -1.27 -9.61
N LEU A 114 34.76 -1.98 -10.47
CA LEU A 114 33.59 -2.73 -10.00
C LEU A 114 33.99 -3.85 -9.05
N SER A 115 35.13 -4.50 -9.33
CA SER A 115 35.61 -5.58 -8.46
C SER A 115 36.04 -5.05 -7.10
N VAL A 116 36.75 -3.92 -7.06
CA VAL A 116 37.17 -3.38 -5.77
C VAL A 116 35.99 -2.76 -5.02
N GLU A 117 34.98 -2.27 -5.76
CA GLU A 117 33.78 -1.74 -5.12
C GLU A 117 32.99 -2.85 -4.44
N ARG A 118 32.81 -3.99 -5.12
CA ARG A 118 32.12 -5.10 -4.49
C ARG A 118 32.96 -5.77 -3.41
N TYR A 119 34.30 -5.72 -3.54
CA TYR A 119 35.19 -6.19 -2.49
C TYR A 119 35.03 -5.37 -1.22
N LEU A 120 35.00 -4.04 -1.35
CA LEU A 120 34.78 -3.17 -0.20
C LEU A 120 33.36 -3.35 0.36
N ALA A 121 32.37 -3.55 -0.52
CA ALA A 121 30.99 -3.73 -0.09
C ALA A 121 30.79 -5.01 0.71
N ILE A 122 31.51 -6.07 0.36
CA ILE A 122 31.34 -7.35 1.04
C ILE A 122 32.26 -7.46 2.25
N CYS A 123 33.55 -7.13 2.10
CA CYS A 123 34.50 -7.38 3.17
C CYS A 123 34.38 -6.36 4.31
N HIS A 124 34.07 -5.11 3.98
CA HIS A 124 34.01 -4.04 4.98
C HIS A 124 32.78 -3.18 4.74
N PRO A 125 31.60 -3.64 5.20
CA PRO A 125 30.34 -2.91 4.92
C PRO A 125 30.28 -1.52 5.53
N PHE A 126 30.95 -1.28 6.66
CA PHE A 126 30.95 0.05 7.26
C PHE A 126 31.79 1.02 6.46
N LYS A 127 33.06 0.66 6.17
CA LYS A 127 33.97 1.54 5.47
C LYS A 127 33.57 1.79 4.03
N ALA A 128 32.85 0.83 3.41
CA ALA A 128 32.41 0.96 2.02
C ALA A 128 31.46 2.14 1.82
N LYS A 129 30.72 2.50 2.86
CA LYS A 129 29.84 3.67 2.82
C LYS A 129 30.40 4.86 3.57
N THR A 130 31.20 4.62 4.61
CA THR A 130 31.77 5.73 5.38
C THR A 130 32.86 6.46 4.59
N LEU A 131 33.74 5.72 3.92
CA LEU A 131 34.90 6.31 3.27
C LEU A 131 34.70 6.55 1.78
N MET A 132 33.48 6.39 1.27
CA MET A 132 33.19 6.60 -0.14
C MET A 132 32.14 7.69 -0.31
N SER A 133 32.17 8.33 -1.47
CA SER A 133 31.20 9.36 -1.83
C SER A 133 31.09 9.39 -3.35
N ARG A 134 30.06 10.11 -3.83
CA ARG A 134 29.87 10.23 -5.27
C ARG A 134 30.90 11.14 -5.91
N SER A 135 31.39 12.14 -5.16
CA SER A 135 32.42 13.02 -5.70
C SER A 135 33.75 12.31 -5.83
N ARG A 136 34.10 11.48 -4.84
CA ARG A 136 35.31 10.66 -4.94
C ARG A 136 35.18 9.60 -6.02
N THR A 137 33.96 9.09 -6.25
CA THR A 137 33.73 8.13 -7.33
C THR A 137 33.92 8.77 -8.70
N LYS A 138 33.36 9.97 -8.89
CA LYS A 138 33.56 10.69 -10.14
C LYS A 138 35.02 11.09 -10.34
N LYS A 139 35.70 11.46 -9.25
CA LYS A 139 37.14 11.74 -9.31
C LYS A 139 37.94 10.51 -9.70
N PHE A 140 37.57 9.34 -9.17
CA PHE A 140 38.27 8.10 -9.52
C PHE A 140 38.00 7.69 -10.96
N ILE A 141 36.78 7.94 -11.45
CA ILE A 141 36.46 7.61 -12.84
C ILE A 141 37.22 8.52 -13.80
N SER A 142 37.28 9.82 -13.49
CA SER A 142 38.08 10.75 -14.30
C SER A 142 39.56 10.44 -14.20
N ALA A 143 40.02 9.98 -13.03
CA ALA A 143 41.42 9.62 -12.86
C ALA A 143 41.78 8.39 -13.67
N ILE A 144 40.88 7.39 -13.73
CA ILE A 144 41.19 6.19 -14.49
C ILE A 144 41.06 6.46 -16.00
N TRP A 145 40.18 7.37 -16.40
CA TRP A 145 40.13 7.80 -17.80
C TRP A 145 41.41 8.53 -18.19
N LEU A 146 41.90 9.43 -17.34
CA LEU A 146 43.15 10.13 -17.61
C LEU A 146 44.34 9.18 -17.57
N ALA A 147 44.32 8.17 -16.70
CA ALA A 147 45.37 7.17 -16.66
C ALA A 147 45.38 6.33 -17.93
N SER A 148 44.20 5.98 -18.46
CA SER A 148 44.13 5.26 -19.72
C SER A 148 44.64 6.11 -20.88
N ALA A 149 44.27 7.40 -20.90
CA ALA A 149 44.74 8.31 -21.94
C ALA A 149 46.25 8.52 -21.87
N LEU A 150 46.81 8.56 -20.65
CA LEU A 150 48.24 8.75 -20.49
C LEU A 150 49.01 7.47 -20.83
N LEU A 151 48.45 6.30 -20.52
CA LEU A 151 49.09 5.04 -20.85
C LEU A 151 49.01 4.72 -22.34
N ALA A 152 48.01 5.27 -23.04
CA ALA A 152 47.90 5.02 -24.48
C ALA A 152 48.83 5.88 -25.32
N VAL A 153 49.52 6.84 -24.73
CA VAL A 153 50.43 7.77 -25.41
C VAL A 153 51.55 7.12 -26.24
N PRO A 154 52.30 6.10 -25.78
CA PRO A 154 53.35 5.50 -26.66
C PRO A 154 52.87 4.89 -27.97
N MET A 155 51.57 4.61 -28.13
CA MET A 155 51.04 4.20 -29.42
C MET A 155 51.10 5.30 -30.46
N LEU A 156 51.18 6.56 -30.04
CA LEU A 156 51.24 7.70 -30.96
C LEU A 156 52.66 8.06 -31.38
N PHE A 157 53.67 7.38 -30.82
CA PHE A 157 55.07 7.71 -31.10
C PHE A 157 55.87 6.55 -31.63
N THR A 158 55.60 5.33 -31.18
CA THR A 158 56.41 4.17 -31.54
C THR A 158 55.87 3.40 -32.73
N MET A 159 54.80 3.86 -33.37
CA MET A 159 54.21 3.18 -34.51
C MET A 159 53.83 4.19 -35.59
N GLY A 160 54.10 3.85 -36.84
CA GLY A 160 53.79 4.71 -37.97
C GLY A 160 53.49 3.91 -39.22
N GLU A 161 53.52 4.58 -40.37
CA GLU A 161 53.10 3.97 -41.64
C GLU A 161 54.32 3.74 -42.53
N GLN A 162 54.44 2.53 -43.07
CA GLN A 162 55.49 2.21 -44.03
C GLN A 162 54.91 1.35 -45.13
N ASN A 163 55.60 1.34 -46.27
CA ASN A 163 55.24 0.49 -47.40
C ASN A 163 56.12 -0.75 -47.37
N ARG A 164 55.49 -1.92 -47.22
CA ARG A 164 56.20 -3.19 -47.12
C ARG A 164 55.73 -4.17 -48.18
N SER A 165 55.35 -3.67 -49.35
CA SER A 165 54.93 -4.49 -50.47
C SER A 165 56.10 -4.71 -51.43
N ALA A 166 55.86 -5.56 -52.44
CA ALA A 166 56.84 -5.78 -53.50
C ALA A 166 57.06 -4.52 -54.32
N ASP A 167 56.01 -3.72 -54.52
CA ASP A 167 56.13 -2.44 -55.21
C ASP A 167 56.35 -1.34 -54.19
N GLY A 168 57.49 -0.65 -54.29
CA GLY A 168 57.87 0.37 -53.32
C GLY A 168 57.01 1.61 -53.34
N GLN A 169 56.21 1.82 -54.39
CA GLN A 169 55.25 2.94 -54.45
C GLN A 169 53.89 2.33 -54.82
N HIS A 170 53.17 1.89 -53.80
CA HIS A 170 51.90 1.21 -54.00
C HIS A 170 50.99 1.48 -52.81
N ALA A 171 49.75 1.91 -53.10
CA ALA A 171 48.80 2.23 -52.04
C ALA A 171 48.38 1.00 -51.24
N GLY A 172 48.36 -0.17 -51.88
CA GLY A 172 47.98 -1.41 -51.20
C GLY A 172 48.97 -1.88 -50.16
N GLY A 173 50.22 -1.43 -50.23
CA GLY A 173 51.26 -1.85 -49.33
C GLY A 173 51.44 -1.04 -48.07
N LEU A 174 50.60 -0.02 -47.86
CA LEU A 174 50.69 0.80 -46.65
C LEU A 174 50.27 -0.02 -45.44
N VAL A 175 51.12 -0.05 -44.42
CA VAL A 175 50.90 -0.89 -43.25
C VAL A 175 51.53 -0.19 -42.04
N CYS A 176 50.95 -0.44 -40.86
CA CYS A 176 51.37 0.19 -39.62
C CYS A 176 52.49 -0.63 -38.99
N THR A 177 53.73 -0.16 -39.15
CA THR A 177 54.93 -0.77 -38.61
C THR A 177 55.60 0.16 -37.61
N PRO A 178 56.40 -0.37 -36.68
CA PRO A 178 57.15 0.52 -35.78
C PRO A 178 58.22 1.31 -36.52
N THR A 179 58.31 2.59 -36.20
CA THR A 179 59.33 3.48 -36.77
C THR A 179 60.59 3.54 -35.93
N ILE A 180 60.51 3.14 -34.67
CA ILE A 180 61.65 3.09 -33.78
C ILE A 180 62.20 1.66 -33.76
N HIS A 181 63.37 1.49 -33.16
CA HIS A 181 64.04 0.19 -33.09
C HIS A 181 63.21 -0.82 -32.33
N THR A 182 63.38 -2.10 -32.71
CA THR A 182 62.57 -3.19 -32.20
C THR A 182 62.69 -3.35 -30.68
N ALA A 183 63.88 -3.09 -30.13
CA ALA A 183 64.12 -3.28 -28.69
C ALA A 183 63.27 -2.35 -27.82
N THR A 184 63.25 -1.05 -28.14
CA THR A 184 62.44 -0.12 -27.35
C THR A 184 60.95 -0.32 -27.59
N VAL A 185 60.56 -0.74 -28.80
CA VAL A 185 59.15 -1.03 -29.09
C VAL A 185 58.70 -2.24 -28.27
N LYS A 186 59.58 -3.25 -28.15
CA LYS A 186 59.26 -4.41 -27.33
C LYS A 186 59.20 -4.06 -25.84
N VAL A 187 60.04 -3.12 -25.39
CA VAL A 187 59.92 -2.57 -24.04
C VAL A 187 58.53 -1.96 -23.81
N VAL A 188 58.10 -1.10 -24.76
CA VAL A 188 56.78 -0.49 -24.71
C VAL A 188 55.67 -1.54 -24.72
N ILE A 189 55.85 -2.60 -25.51
CA ILE A 189 54.88 -3.69 -25.59
C ILE A 189 54.81 -4.46 -24.28
N GLN A 190 55.96 -4.65 -23.62
CA GLN A 190 55.97 -5.32 -22.32
C GLN A 190 55.30 -4.47 -21.24
N VAL A 191 55.50 -3.14 -21.30
CA VAL A 191 54.83 -2.25 -20.35
C VAL A 191 53.32 -2.27 -20.56
N ASN A 192 52.88 -2.25 -21.83
CA ASN A 192 51.46 -2.34 -22.13
C ASN A 192 50.89 -3.71 -21.80
N THR A 193 51.72 -4.75 -21.86
CA THR A 193 51.31 -6.09 -21.42
C THR A 193 51.08 -6.14 -19.92
N PHE A 194 52.01 -5.58 -19.15
CA PHE A 194 51.89 -5.56 -17.69
C PHE A 194 50.69 -4.72 -17.24
N MET A 195 50.53 -3.53 -17.84
CA MET A 195 49.44 -2.65 -17.43
C MET A 195 48.09 -3.10 -17.98
N SER A 196 48.06 -3.78 -19.12
CA SER A 196 46.82 -4.12 -19.79
C SER A 196 46.21 -5.44 -19.31
N PHE A 197 47.02 -6.45 -19.05
CA PHE A 197 46.48 -7.78 -18.78
C PHE A 197 46.90 -8.37 -17.44
N ILE A 198 48.14 -8.18 -17.01
CA ILE A 198 48.65 -8.95 -15.86
C ILE A 198 48.14 -8.37 -14.55
N PHE A 199 48.28 -7.07 -14.37
CA PHE A 199 47.78 -6.40 -13.17
C PHE A 199 46.27 -6.49 -12.96
N PRO A 200 45.39 -6.25 -13.97
CA PRO A 200 43.96 -6.47 -13.70
C PRO A 200 43.59 -7.93 -13.50
N MET A 201 44.34 -8.87 -14.08
CA MET A 201 44.10 -10.29 -13.80
C MET A 201 44.41 -10.62 -12.36
N VAL A 202 45.54 -10.11 -11.83
CA VAL A 202 45.89 -10.33 -10.42
C VAL A 202 44.85 -9.70 -9.50
N VAL A 203 44.43 -8.46 -9.81
CA VAL A 203 43.45 -7.75 -8.99
C VAL A 203 42.10 -8.48 -8.98
N ILE A 204 41.62 -8.85 -10.18
CA ILE A 204 40.32 -9.52 -10.30
C ILE A 204 40.35 -10.89 -9.65
N SER A 205 41.45 -11.66 -9.83
CA SER A 205 41.54 -12.99 -9.26
C SER A 205 41.59 -12.95 -7.73
N VAL A 206 42.42 -12.07 -7.16
CA VAL A 206 42.54 -11.99 -5.71
C VAL A 206 41.24 -11.46 -5.09
N LEU A 207 40.65 -10.42 -5.69
CA LEU A 207 39.42 -9.84 -5.16
C LEU A 207 38.25 -10.81 -5.26
N ASN A 208 38.11 -11.52 -6.37
CA ASN A 208 37.01 -12.47 -6.51
C ASN A 208 37.21 -13.71 -5.64
N THR A 209 38.46 -14.12 -5.42
CA THR A 209 38.72 -15.22 -4.49
C THR A 209 38.37 -14.83 -3.06
N ILE A 210 38.75 -13.61 -2.65
CA ILE A 210 38.42 -13.11 -1.32
C ILE A 210 36.92 -12.96 -1.15
N ILE A 211 36.22 -12.49 -2.20
CA ILE A 211 34.78 -12.32 -2.13
C ILE A 211 34.07 -13.66 -2.09
N ALA A 212 34.57 -14.65 -2.83
CA ALA A 212 34.01 -16.00 -2.78
C ALA A 212 34.18 -16.63 -1.40
N ASN A 213 35.36 -16.46 -0.79
CA ASN A 213 35.58 -17.00 0.55
C ASN A 213 34.75 -16.26 1.60
N LYS A 214 34.57 -14.95 1.42
CA LYS A 214 33.78 -14.18 2.36
C LYS A 214 32.30 -14.53 2.26
N LEU A 215 31.80 -14.76 1.04
CA LEU A 215 30.42 -15.20 0.87
C LEU A 215 30.22 -16.63 1.38
N THR A 216 31.24 -17.48 1.25
CA THR A 216 31.15 -18.84 1.79
C THR A 216 31.10 -18.83 3.32
N VAL A 217 31.94 -18.02 3.96
CA VAL A 217 32.02 -18.03 5.42
C VAL A 217 30.84 -17.27 6.03
N MET A 218 30.50 -16.09 5.48
CA MET A 218 29.60 -15.15 6.14
C MET A 218 28.17 -15.69 6.25
N VAL A 219 27.65 -16.30 5.17
CA VAL A 219 26.26 -16.73 5.17
C VAL A 219 26.10 -18.11 5.82
N ARG A 220 27.20 -18.81 6.08
CA ARG A 220 27.16 -20.12 6.70
C ARG A 220 27.63 -20.13 8.15
N GLN A 221 28.53 -19.22 8.53
CA GLN A 221 29.03 -19.18 9.90
C GLN A 221 28.59 -17.89 10.59
N GLY A 245 16.50 -20.91 -0.44
CA GLY A 245 17.05 -20.51 -1.73
C GLY A 245 18.31 -19.68 -1.61
N ARG A 246 18.74 -19.43 -0.37
CA ARG A 246 19.96 -18.67 -0.13
C ARG A 246 21.20 -19.47 -0.53
N VAL A 247 21.17 -20.79 -0.33
CA VAL A 247 22.31 -21.63 -0.72
C VAL A 247 22.47 -21.66 -2.22
N GLN A 248 21.35 -21.69 -2.96
CA GLN A 248 21.41 -21.62 -4.42
C GLN A 248 21.93 -20.27 -4.89
N ALA A 249 21.55 -19.19 -4.20
CA ALA A 249 22.08 -17.87 -4.52
C ALA A 249 23.58 -17.78 -4.25
N LEU A 250 24.04 -18.42 -3.17
CA LEU A 250 25.48 -18.46 -2.88
C LEU A 250 26.22 -19.28 -3.93
N ARG A 251 25.62 -20.37 -4.40
CA ARG A 251 26.23 -21.19 -5.46
C ARG A 251 26.34 -20.41 -6.77
N HIS A 252 25.28 -19.68 -7.13
CA HIS A 252 25.33 -18.83 -8.33
C HIS A 252 26.35 -17.70 -8.15
N GLY A 253 26.46 -17.16 -6.94
CA GLY A 253 27.49 -16.16 -6.65
C GLY A 253 28.91 -16.67 -6.87
N VAL A 254 29.24 -17.81 -6.27
CA VAL A 254 30.53 -18.47 -6.47
C VAL A 254 30.77 -18.77 -7.95
N ARG A 255 29.73 -19.25 -8.66
CA ARG A 255 29.87 -19.57 -10.07
C ARG A 255 30.15 -18.34 -10.92
N VAL A 256 29.47 -17.22 -10.65
CA VAL A 256 29.73 -15.97 -11.36
C VAL A 256 31.12 -15.44 -11.03
N LEU A 257 31.52 -15.50 -9.75
CA LEU A 257 32.83 -15.01 -9.34
C LEU A 257 33.98 -15.81 -9.96
N ARG A 258 33.76 -17.10 -10.22
CA ARG A 258 34.75 -17.90 -10.92
C ARG A 258 34.72 -17.63 -12.42
N ALA A 259 33.51 -17.61 -13.01
CA ALA A 259 33.33 -17.39 -14.44
C ALA A 259 33.90 -16.06 -14.93
N VAL A 260 33.80 -15.01 -14.10
CA VAL A 260 34.32 -13.70 -14.49
C VAL A 260 35.84 -13.74 -14.63
N VAL A 261 36.53 -14.35 -13.65
CA VAL A 261 37.98 -14.48 -13.69
C VAL A 261 38.41 -15.35 -14.86
N ILE A 262 37.71 -16.47 -15.08
CA ILE A 262 38.08 -17.41 -16.14
C ILE A 262 37.88 -16.78 -17.51
N ALA A 263 36.73 -16.13 -17.72
CA ALA A 263 36.44 -15.47 -18.99
C ALA A 263 37.38 -14.29 -19.24
N PHE A 264 37.72 -13.54 -18.18
CA PHE A 264 38.64 -12.43 -18.31
C PHE A 264 40.02 -12.88 -18.76
N VAL A 265 40.51 -13.98 -18.15
CA VAL A 265 41.82 -14.52 -18.53
C VAL A 265 41.79 -15.03 -19.97
N VAL A 266 40.81 -15.88 -20.31
CA VAL A 266 40.81 -16.50 -21.64
C VAL A 266 40.46 -15.51 -22.74
N CYS A 267 39.85 -14.36 -22.41
CA CYS A 267 39.59 -13.35 -23.43
C CYS A 267 40.75 -12.36 -23.57
N TRP A 268 41.38 -11.94 -22.47
CA TRP A 268 42.36 -10.86 -22.53
C TRP A 268 43.80 -11.34 -22.59
N LEU A 269 44.07 -12.64 -22.43
CA LEU A 269 45.40 -13.17 -22.71
C LEU A 269 45.88 -13.01 -24.16
N PRO A 270 45.09 -13.35 -25.22
CA PRO A 270 45.67 -13.27 -26.58
C PRO A 270 45.98 -11.86 -27.06
N TYR A 271 45.40 -10.83 -26.44
CA TYR A 271 45.72 -9.44 -26.75
C TYR A 271 47.21 -9.15 -26.60
N HIS A 272 47.84 -9.74 -25.58
CA HIS A 272 49.27 -9.61 -25.41
C HIS A 272 50.05 -10.83 -25.92
N VAL A 273 49.40 -12.00 -26.03
CA VAL A 273 50.09 -13.16 -26.58
C VAL A 273 50.42 -12.96 -28.06
N ARG A 274 49.53 -12.30 -28.81
CA ARG A 274 49.79 -11.99 -30.22
C ARG A 274 50.97 -11.04 -30.36
N ARG A 275 51.06 -10.04 -29.48
CA ARG A 275 52.16 -9.08 -29.55
C ARG A 275 53.48 -9.71 -29.13
N LEU A 276 53.46 -10.60 -28.13
CA LEU A 276 54.66 -11.32 -27.74
C LEU A 276 55.12 -12.29 -28.83
N MET A 277 54.17 -12.95 -29.51
CA MET A 277 54.48 -13.79 -30.66
C MET A 277 55.10 -12.97 -31.79
N PHE A 278 54.59 -11.76 -32.02
CA PHE A 278 55.15 -10.89 -33.06
C PHE A 278 56.56 -10.46 -32.71
N CYS A 279 56.79 -10.01 -31.48
CA CYS A 279 58.07 -9.38 -31.16
C CYS A 279 59.16 -10.38 -30.82
N TYR A 280 58.79 -11.58 -30.34
CA TYR A 280 59.81 -12.55 -29.95
C TYR A 280 60.33 -13.37 -31.11
N ILE A 281 59.49 -13.68 -32.09
CA ILE A 281 59.86 -14.58 -33.18
C ILE A 281 60.73 -13.83 -34.18
N SER A 282 61.97 -14.32 -34.36
CA SER A 282 62.91 -13.68 -35.24
C SER A 282 62.65 -14.04 -36.70
N ASP A 283 63.35 -13.34 -37.60
CA ASP A 283 63.14 -13.50 -39.04
C ASP A 283 63.51 -14.89 -39.54
N GLU A 284 64.54 -15.50 -38.95
CA GLU A 284 64.94 -16.85 -39.32
C GLU A 284 64.04 -17.93 -38.74
N GLN A 285 63.13 -17.58 -37.84
CA GLN A 285 62.24 -18.54 -37.21
C GLN A 285 60.83 -18.52 -37.80
N TRP A 286 60.47 -17.49 -38.54
CA TRP A 286 59.14 -17.39 -39.12
C TRP A 286 58.95 -18.38 -40.25
N THR A 287 57.78 -19.01 -40.29
CA THR A 287 57.37 -19.92 -41.33
C THR A 287 56.04 -19.43 -41.89
N PRO A 288 55.66 -19.85 -43.10
CA PRO A 288 54.28 -19.57 -43.57
C PRO A 288 53.20 -20.16 -42.68
N PHE A 289 53.47 -21.31 -42.06
CA PHE A 289 52.56 -21.88 -41.07
C PHE A 289 52.40 -20.95 -39.88
N LEU A 290 53.52 -20.39 -39.38
CA LEU A 290 53.46 -19.42 -38.29
C LEU A 290 52.80 -18.12 -38.72
N TYR A 291 52.97 -17.71 -39.98
CA TYR A 291 52.30 -16.52 -40.50
C TYR A 291 50.78 -16.69 -40.50
N ASP A 292 50.31 -17.82 -41.06
CA ASP A 292 48.88 -18.05 -41.10
C ASP A 292 48.31 -18.32 -39.71
N PHE A 293 49.09 -18.96 -38.83
CA PHE A 293 48.65 -19.16 -37.45
C PHE A 293 48.59 -17.85 -36.68
N TYR A 294 49.49 -16.92 -36.98
CA TYR A 294 49.42 -15.57 -36.41
C TYR A 294 48.14 -14.86 -36.85
N HIS A 295 47.79 -14.99 -38.13
CA HIS A 295 46.57 -14.35 -38.62
C HIS A 295 45.31 -14.98 -38.02
N TYR A 296 45.27 -16.31 -37.93
CA TYR A 296 44.16 -16.99 -37.27
C TYR A 296 44.10 -16.63 -35.78
N PHE A 297 45.26 -16.50 -35.13
CA PHE A 297 45.28 -16.12 -33.72
C PHE A 297 44.80 -14.69 -33.51
N TYR A 298 45.10 -13.79 -34.45
CA TYR A 298 44.54 -12.44 -34.39
C TYR A 298 43.02 -12.45 -34.56
N MET A 299 42.53 -13.31 -35.46
CA MET A 299 41.09 -13.47 -35.64
C MET A 299 40.41 -14.00 -34.37
N VAL A 300 41.02 -15.01 -33.73
CA VAL A 300 40.48 -15.58 -32.50
C VAL A 300 40.59 -14.56 -31.36
N THR A 301 41.66 -13.77 -31.34
CA THR A 301 41.82 -12.66 -30.39
C THR A 301 40.67 -11.66 -30.49
N ASN A 302 40.34 -11.25 -31.72
CA ASN A 302 39.23 -10.31 -31.90
C ASN A 302 37.88 -10.95 -31.58
N ALA A 303 37.73 -12.25 -31.86
CA ALA A 303 36.52 -12.97 -31.45
C ALA A 303 36.39 -13.02 -29.93
N LEU A 304 37.50 -13.22 -29.22
CA LEU A 304 37.46 -13.23 -27.77
C LEU A 304 37.20 -11.83 -27.20
N PHE A 305 37.66 -10.80 -27.91
CA PHE A 305 37.31 -9.43 -27.54
C PHE A 305 35.81 -9.19 -27.68
N TYR A 306 35.20 -9.71 -28.75
CA TYR A 306 33.77 -9.56 -28.94
C TYR A 306 32.97 -10.37 -27.91
N VAL A 307 33.47 -11.55 -27.54
CA VAL A 307 32.83 -12.35 -26.49
C VAL A 307 32.91 -11.64 -25.14
N SER A 308 34.08 -11.06 -24.82
CA SER A 308 34.25 -10.32 -23.57
C SER A 308 33.35 -9.08 -23.53
N SER A 309 33.21 -8.38 -24.66
CA SER A 309 32.34 -7.21 -24.69
C SER A 309 30.86 -7.57 -24.82
N THR A 310 30.53 -8.83 -25.12
CA THR A 310 29.13 -9.23 -25.27
C THR A 310 28.57 -9.93 -24.04
N ILE A 311 29.38 -10.69 -23.31
CA ILE A 311 28.87 -11.48 -22.18
C ILE A 311 28.49 -10.64 -20.96
N ASN A 312 28.99 -9.41 -20.86
CA ASN A 312 28.74 -8.57 -19.68
C ASN A 312 27.30 -8.08 -19.52
N PRO A 313 26.58 -7.60 -20.56
CA PRO A 313 25.15 -7.32 -20.34
C PRO A 313 24.30 -8.54 -20.07
N ILE A 314 24.64 -9.70 -20.65
CA ILE A 314 23.92 -10.93 -20.34
C ILE A 314 24.14 -11.34 -18.89
N LEU A 315 25.38 -11.19 -18.40
CA LEU A 315 25.68 -11.49 -17.01
C LEU A 315 24.97 -10.52 -16.06
N TYR A 316 24.90 -9.23 -16.45
CA TYR A 316 24.18 -8.25 -15.65
C TYR A 316 22.68 -8.52 -15.62
N ASN A 317 22.13 -9.01 -16.74
CA ASN A 317 20.74 -9.44 -16.77
C ASN A 317 20.53 -10.67 -15.88
N LEU A 318 21.51 -11.57 -15.84
CA LEU A 318 21.39 -12.77 -15.03
C LEU A 318 21.44 -12.46 -13.53
N VAL A 319 22.39 -11.62 -13.11
CA VAL A 319 22.56 -11.39 -11.68
C VAL A 319 21.49 -10.46 -11.10
N SER A 320 20.92 -9.55 -11.91
CA SER A 320 20.02 -8.53 -11.42
C SER A 320 18.60 -8.81 -11.89
N ALA A 321 17.65 -8.83 -10.94
CA ALA A 321 16.26 -9.08 -11.26
C ALA A 321 15.58 -7.85 -11.86
N ASN A 322 15.86 -6.67 -11.31
CA ASN A 322 15.26 -5.42 -11.81
C ASN A 322 15.72 -5.12 -13.23
N PHE A 323 17.02 -5.28 -13.49
CA PHE A 323 17.56 -5.08 -14.84
C PHE A 323 16.96 -6.09 -15.83
N ARG A 324 16.78 -7.35 -15.38
CA ARG A 324 16.10 -8.36 -16.19
C ARG A 324 14.67 -7.97 -16.50
N HIS A 325 13.94 -7.43 -15.52
CA HIS A 325 12.55 -7.05 -15.73
C HIS A 325 12.43 -5.87 -16.68
N ILE A 326 13.32 -4.87 -16.54
CA ILE A 326 13.30 -3.74 -17.45
C ILE A 326 13.76 -4.13 -18.85
N PHE A 327 14.68 -5.11 -18.95
CA PHE A 327 15.07 -5.63 -20.26
C PHE A 327 13.92 -6.38 -20.92
N LEU A 328 13.14 -7.12 -20.13
CA LEU A 328 11.95 -7.79 -20.66
C LEU A 328 10.90 -6.79 -21.10
N ALA A 329 10.76 -5.68 -20.35
CA ALA A 329 9.86 -4.60 -20.77
C ALA A 329 10.32 -3.95 -22.07
N THR A 330 11.64 -3.78 -22.23
CA THR A 330 12.18 -3.25 -23.47
C THR A 330 11.95 -4.20 -24.65
N LEU A 331 12.13 -5.50 -24.41
CA LEU A 331 11.86 -6.51 -25.44
C LEU A 331 10.38 -6.54 -25.82
N ALA A 332 9.49 -6.35 -24.84
CA ALA A 332 8.06 -6.24 -25.13
C ALA A 332 7.76 -4.97 -25.93
N CYS A 333 8.48 -3.88 -25.63
CA CYS A 333 8.30 -2.64 -26.37
C CYS A 333 8.78 -2.79 -27.81
N LEU A 334 9.86 -3.55 -28.04
CA LEU A 334 10.36 -3.78 -29.39
C LEU A 334 9.40 -4.63 -30.21
N CYS A 335 8.85 -5.68 -29.59
CA CYS A 335 7.91 -6.56 -30.29
C CYS A 335 6.47 -6.15 -30.01
N HIS A 358 5.80 -21.68 12.21
CA HIS A 358 4.35 -21.52 12.26
C HIS A 358 3.96 -20.34 13.14
N THR A 359 2.75 -19.82 12.93
CA THR A 359 2.24 -18.68 13.68
C THR A 359 1.01 -19.12 14.46
N LEU A 360 1.01 -18.83 15.76
CA LEU A 360 -0.09 -19.18 16.65
C LEU A 360 -0.84 -17.91 17.06
N SER A 361 -2.15 -17.92 16.85
CA SER A 361 -2.99 -16.79 17.21
C SER A 361 -2.97 -16.54 18.72
N SER A 362 -2.95 -15.28 19.10
CA SER A 362 -2.93 -14.90 20.50
C SER A 362 -4.34 -14.92 21.09
N ASN A 363 -4.40 -14.82 22.41
CA ASN A 363 -5.67 -14.84 23.14
C ASN A 363 -5.75 -13.59 24.01
N ALA A 364 -6.92 -13.39 24.61
CA ALA A 364 -7.15 -12.23 25.47
C ALA A 364 -8.06 -12.61 26.62
N THR A 365 -7.92 -11.90 27.72
CA THR A 365 -8.73 -12.14 28.91
C THR A 365 -9.17 -10.80 29.50
N ARG A 366 -10.38 -10.78 30.06
CA ARG A 366 -10.96 -9.57 30.63
C ARG A 366 -10.88 -9.68 32.15
N GLU A 367 -10.16 -8.73 32.77
CA GLU A 367 -10.09 -8.62 34.22
C GLU A 367 -11.46 -8.50 34.86
N THR A 368 -11.68 -9.26 35.92
CA THR A 368 -12.95 -9.25 36.63
C THR A 368 -12.74 -9.04 38.13
N ARG B 2 57.02 -14.01 -42.97
CA ARG B 2 56.89 -13.26 -41.73
C ARG B 2 55.75 -12.23 -41.83
N PRO B 3 55.07 -11.96 -40.72
CA PRO B 3 54.06 -10.90 -40.73
C PRO B 3 54.70 -9.52 -40.75
N TYR B 4 53.96 -8.56 -41.31
CA TYR B 4 54.45 -7.19 -41.42
C TYR B 4 53.78 -6.22 -40.47
N ILE B 5 52.58 -6.53 -39.98
CA ILE B 5 51.84 -5.66 -39.07
C ILE B 5 52.08 -6.13 -37.64
N LEU B 6 52.25 -5.17 -36.73
CA LEU B 6 52.49 -5.48 -35.33
C LEU B 6 51.19 -5.83 -34.62
N ARG C 7 -8.96 -5.24 28.67
CA ARG C 7 -8.46 -6.33 27.84
C ARG C 7 -6.94 -6.32 27.80
N VAL C 8 -6.34 -7.50 28.03
CA VAL C 8 -4.90 -7.67 27.99
C VAL C 8 -4.57 -8.80 27.03
N PHE C 9 -3.32 -8.83 26.57
CA PHE C 9 -2.89 -9.77 25.56
C PHE C 9 -2.00 -10.85 26.17
N LYS C 10 -2.04 -12.04 25.58
CA LYS C 10 -1.33 -13.19 26.09
C LYS C 10 -0.68 -13.94 24.93
N LYS C 11 0.45 -14.57 25.23
CA LYS C 11 1.11 -15.43 24.24
C LYS C 11 1.81 -16.57 24.95
N ALA C 12 1.57 -17.79 24.47
CA ALA C 12 2.13 -18.99 25.10
C ALA C 12 3.28 -19.56 24.28
N SER C 13 4.12 -20.33 24.95
CA SER C 13 5.22 -21.02 24.30
C SER C 13 4.73 -22.22 23.51
N PRO C 14 5.52 -22.70 22.54
CA PRO C 14 5.19 -24.00 21.92
C PRO C 14 5.19 -25.17 22.91
N ASN C 15 6.05 -25.12 23.92
CA ASN C 15 5.99 -26.13 24.98
C ASN C 15 4.75 -25.95 25.86
N GLY C 16 4.25 -24.72 25.98
CA GLY C 16 3.10 -24.43 26.82
C GLY C 16 3.41 -24.17 28.27
N LYS C 17 4.66 -24.33 28.70
CA LYS C 17 5.03 -24.08 30.09
C LYS C 17 5.28 -22.60 30.37
N LEU C 18 5.60 -21.81 29.36
CA LEU C 18 5.87 -20.39 29.50
C LEU C 18 4.78 -19.60 28.81
N THR C 19 4.20 -18.62 29.51
CA THR C 19 3.16 -17.77 28.93
C THR C 19 3.36 -16.35 29.41
N VAL C 20 3.37 -15.40 28.47
CA VAL C 20 3.64 -14.00 28.77
C VAL C 20 2.33 -13.23 28.63
N TYR C 21 1.97 -12.48 29.67
CA TYR C 21 0.81 -11.61 29.65
C TYR C 21 1.28 -10.16 29.68
N LEU C 22 0.84 -9.39 28.68
CA LEU C 22 1.14 -7.97 28.58
C LEU C 22 -0.16 -7.18 28.61
N GLY C 23 -0.09 -5.95 29.10
CA GLY C 23 -1.28 -5.12 29.20
C GLY C 23 -1.77 -4.64 27.84
N LYS C 24 -0.84 -4.27 26.95
CA LYS C 24 -1.20 -3.76 25.63
C LYS C 24 0.03 -3.89 24.73
N ARG C 25 -0.22 -3.76 23.43
CA ARG C 25 0.84 -3.86 22.42
C ARG C 25 1.28 -2.51 21.89
N ASP C 26 0.44 -1.48 22.01
CA ASP C 26 0.74 -0.15 21.51
C ASP C 26 1.09 0.75 22.67
N PHE C 27 2.30 1.32 22.66
CA PHE C 27 2.82 2.13 23.74
C PHE C 27 2.89 3.58 23.26
N VAL C 28 2.06 4.44 23.85
CA VAL C 28 2.00 5.84 23.45
C VAL C 28 2.96 6.63 24.35
N ASP C 29 3.96 7.24 23.75
CA ASP C 29 4.93 8.04 24.47
C ASP C 29 4.85 9.50 24.02
N HIS C 30 5.58 10.34 24.74
CA HIS C 30 5.76 11.75 24.38
C HIS C 30 7.24 12.09 24.51
N ILE C 31 7.58 13.38 24.36
CA ILE C 31 8.96 13.80 24.46
C ILE C 31 9.48 13.62 25.89
N ASP C 32 8.67 13.99 26.88
CA ASP C 32 9.06 13.88 28.29
C ASP C 32 8.46 12.64 28.95
N LEU C 33 7.15 12.47 28.87
CA LEU C 33 6.48 11.32 29.46
C LEU C 33 6.49 10.13 28.51
N VAL C 34 6.80 8.96 29.04
CA VAL C 34 6.76 7.72 28.28
C VAL C 34 5.88 6.72 29.01
N ASP C 35 5.22 5.85 28.24
CA ASP C 35 4.46 4.74 28.80
C ASP C 35 5.39 3.57 29.07
N PRO C 36 5.61 3.22 30.33
CA PRO C 36 6.54 2.12 30.63
C PRO C 36 5.96 0.77 30.26
N VAL C 37 6.85 -0.21 30.14
CA VAL C 37 6.50 -1.56 29.74
C VAL C 37 6.31 -2.40 31.00
N ASP C 38 5.13 -3.01 31.15
CA ASP C 38 4.87 -3.86 32.29
C ASP C 38 4.21 -5.16 31.83
N GLY C 39 4.41 -6.21 32.60
CA GLY C 39 3.72 -7.46 32.32
C GLY C 39 4.15 -8.54 33.27
N VAL C 40 3.66 -9.76 33.02
CA VAL C 40 4.04 -10.91 33.83
C VAL C 40 4.40 -12.08 32.91
N VAL C 41 5.19 -12.99 33.45
CA VAL C 41 5.55 -14.25 32.79
C VAL C 41 5.23 -15.38 33.74
N LEU C 42 4.42 -16.34 33.28
CA LEU C 42 4.10 -17.54 34.04
C LEU C 42 4.94 -18.69 33.53
N VAL C 43 5.59 -19.39 34.45
CA VAL C 43 6.46 -20.54 34.15
C VAL C 43 6.01 -21.72 34.99
N ASP C 44 6.51 -22.89 34.63
CA ASP C 44 6.26 -24.11 35.37
C ASP C 44 7.46 -24.41 36.26
N PRO C 45 7.34 -24.28 37.59
CA PRO C 45 8.49 -24.57 38.47
C PRO C 45 8.90 -26.03 38.49
N GLU C 46 8.00 -26.95 38.17
CA GLU C 46 8.32 -28.37 38.17
C GLU C 46 8.84 -28.86 36.82
N TYR C 47 8.92 -27.99 35.82
CA TYR C 47 9.47 -28.33 34.52
C TYR C 47 10.81 -27.67 34.24
N LEU C 48 10.93 -26.38 34.52
CA LEU C 48 12.15 -25.62 34.24
C LEU C 48 13.13 -25.70 35.40
N LYS C 49 13.48 -26.91 35.83
CA LYS C 49 14.37 -27.10 36.96
C LYS C 49 15.82 -26.84 36.57
N GLU C 50 16.56 -26.20 37.48
CA GLU C 50 17.99 -25.88 37.36
C GLU C 50 18.32 -24.99 36.17
N ARG C 51 17.33 -24.28 35.62
CA ARG C 51 17.52 -23.39 34.48
C ARG C 51 17.32 -21.94 34.90
N ARG C 52 17.53 -21.04 33.95
CA ARG C 52 17.37 -19.60 34.17
C ARG C 52 16.44 -19.05 33.11
N VAL C 53 15.48 -18.22 33.53
CA VAL C 53 14.53 -17.59 32.63
C VAL C 53 14.75 -16.09 32.67
N TYR C 54 14.94 -15.50 31.48
CA TYR C 54 15.24 -14.08 31.34
C TYR C 54 14.21 -13.42 30.44
N VAL C 55 13.97 -12.14 30.68
CA VAL C 55 13.04 -11.32 29.90
C VAL C 55 13.80 -10.10 29.39
N THR C 56 13.72 -9.85 28.08
CA THR C 56 14.43 -8.75 27.47
C THR C 56 13.50 -7.99 26.51
N LEU C 57 13.75 -6.69 26.40
CA LEU C 57 13.16 -5.86 25.36
C LEU C 57 14.23 -5.55 24.33
N THR C 58 14.01 -5.96 23.09
CA THR C 58 15.01 -5.84 22.05
C THR C 58 14.50 -4.98 20.90
N CYS C 59 15.46 -4.36 20.20
CA CYS C 59 15.24 -3.48 19.07
C CYS C 59 16.21 -3.87 17.98
N ALA C 60 15.77 -3.76 16.73
CA ALA C 60 16.63 -4.13 15.61
C ALA C 60 16.25 -3.33 14.38
N PHE C 61 17.22 -3.18 13.48
CA PHE C 61 17.02 -2.59 12.18
C PHE C 61 17.60 -3.52 11.13
N ARG C 62 16.90 -3.66 10.01
CA ARG C 62 17.29 -4.54 8.92
C ARG C 62 17.55 -3.67 7.70
N TYR C 63 18.79 -3.17 7.58
CA TYR C 63 19.16 -2.31 6.47
C TYR C 63 19.10 -3.07 5.14
N GLY C 64 18.53 -2.41 4.14
CA GLY C 64 18.33 -3.03 2.83
C GLY C 64 18.98 -2.22 1.73
N ARG C 65 19.53 -2.91 0.75
CA ARG C 65 20.17 -2.30 -0.41
C ARG C 65 19.64 -2.96 -1.67
N GLU C 66 19.75 -2.23 -2.79
CA GLU C 66 19.29 -2.74 -4.08
C GLU C 66 20.08 -3.98 -4.50
N ASP C 67 21.39 -3.96 -4.31
CA ASP C 67 22.19 -5.16 -4.54
C ASP C 67 21.86 -6.25 -3.53
N LEU C 68 21.62 -5.86 -2.27
CA LEU C 68 21.21 -6.82 -1.25
C LEU C 68 19.84 -7.41 -1.51
N ASP C 69 18.94 -6.62 -2.12
CA ASP C 69 17.58 -7.11 -2.41
C ASP C 69 17.59 -8.24 -3.42
N VAL C 70 18.46 -8.15 -4.44
CA VAL C 70 18.52 -9.19 -5.47
C VAL C 70 19.09 -10.49 -4.90
N LEU C 71 20.27 -10.41 -4.27
CA LEU C 71 20.89 -11.60 -3.66
C LEU C 71 21.75 -11.13 -2.50
N GLY C 72 21.15 -11.06 -1.32
CA GLY C 72 21.89 -10.65 -0.13
C GLY C 72 21.14 -11.04 1.13
N LEU C 73 21.87 -10.98 2.24
CA LEU C 73 21.32 -11.23 3.57
C LEU C 73 21.17 -9.90 4.29
N THR C 74 19.96 -9.63 4.79
CA THR C 74 19.66 -8.38 5.49
C THR C 74 20.45 -8.26 6.78
N PHE C 75 21.39 -7.33 6.81
CA PHE C 75 22.20 -7.08 8.01
C PHE C 75 21.33 -6.52 9.13
N ARG C 76 21.24 -7.24 10.23
CA ARG C 76 20.43 -6.85 11.37
C ARG C 76 21.32 -6.24 12.45
N LYS C 77 20.98 -5.02 12.86
CA LYS C 77 21.76 -4.29 13.86
C LYS C 77 20.87 -3.92 15.03
N ASP C 78 21.36 -4.16 16.24
CA ASP C 78 20.61 -3.90 17.46
C ASP C 78 21.01 -2.54 18.02
N LEU C 79 20.06 -1.60 18.03
CA LEU C 79 20.33 -0.27 18.56
C LEU C 79 20.45 -0.30 20.08
N PHE C 80 19.54 -0.98 20.75
CA PHE C 80 19.54 -1.07 22.20
C PHE C 80 19.00 -2.44 22.61
N CYS C 81 19.41 -2.89 23.80
CA CYS C 81 18.98 -4.19 24.31
C CYS C 81 19.16 -4.19 25.81
N ALA C 82 18.06 -4.30 26.56
CA ALA C 82 18.08 -4.38 28.01
C ALA C 82 17.50 -5.73 28.43
N ASN C 83 18.10 -6.35 29.44
CA ASN C 83 17.72 -7.70 29.84
C ASN C 83 17.72 -7.79 31.35
N VAL C 84 16.67 -8.40 31.91
CA VAL C 84 16.55 -8.62 33.34
C VAL C 84 16.33 -10.10 33.60
N GLN C 85 16.57 -10.50 34.84
CA GLN C 85 16.37 -11.89 35.26
C GLN C 85 14.98 -12.03 35.86
N SER C 86 14.25 -13.04 35.40
CA SER C 86 12.88 -13.27 35.86
C SER C 86 12.73 -14.55 36.67
N PHE C 87 13.56 -15.55 36.43
CA PHE C 87 13.54 -16.76 37.26
C PHE C 87 14.98 -17.29 37.41
N PRO C 88 15.54 -17.30 38.63
CA PRO C 88 15.01 -16.81 39.92
C PRO C 88 14.89 -15.29 40.04
N PRO C 89 13.88 -14.82 40.78
CA PRO C 89 13.63 -13.37 40.85
C PRO C 89 14.76 -12.61 41.54
N ALA C 90 15.09 -11.45 40.98
CA ALA C 90 16.10 -10.58 41.56
C ALA C 90 15.48 -9.76 42.69
N PRO C 91 16.09 -9.76 43.88
CA PRO C 91 15.54 -8.97 44.99
C PRO C 91 15.70 -7.46 44.81
N GLU C 92 16.56 -7.02 43.90
CA GLU C 92 16.76 -5.60 43.63
C GLU C 92 15.74 -5.02 42.66
N ASP C 93 14.77 -5.81 42.23
CA ASP C 93 13.77 -5.36 41.27
C ASP C 93 12.74 -4.45 41.95
N LYS C 94 11.82 -3.92 41.14
CA LYS C 94 10.77 -3.03 41.64
C LYS C 94 9.84 -3.78 42.59
N LYS C 95 9.70 -3.24 43.80
CA LYS C 95 8.88 -3.85 44.84
C LYS C 95 7.37 -3.61 44.68
N PRO C 96 6.85 -2.39 44.44
CA PRO C 96 5.40 -2.28 44.24
C PRO C 96 4.98 -2.76 42.86
N LEU C 97 3.70 -3.15 42.78
CA LEU C 97 3.10 -3.62 41.54
C LEU C 97 2.11 -2.58 41.02
N THR C 98 1.95 -2.56 39.69
CA THR C 98 0.87 -1.81 39.09
C THR C 98 -0.44 -2.60 39.22
N ARG C 99 -1.55 -1.93 38.88
CA ARG C 99 -2.87 -2.56 38.98
C ARG C 99 -2.99 -3.75 38.03
N LEU C 100 -2.42 -3.64 36.83
CA LEU C 100 -2.24 -4.79 35.94
C LEU C 100 -1.46 -5.91 36.63
N GLN C 101 -0.29 -5.57 37.19
CA GLN C 101 0.56 -6.57 37.82
C GLN C 101 -0.06 -7.12 39.10
N GLU C 102 -0.76 -6.26 39.85
CA GLU C 102 -1.47 -6.72 41.06
C GLU C 102 -2.59 -7.70 40.69
N ARG C 103 -3.36 -7.38 39.66
CA ARG C 103 -4.45 -8.27 39.23
C ARG C 103 -3.90 -9.58 38.69
N LEU C 104 -2.79 -9.53 37.94
CA LEU C 104 -2.23 -10.74 37.35
C LEU C 104 -1.57 -11.62 38.41
N ILE C 105 -0.95 -11.01 39.42
CA ILE C 105 -0.37 -11.78 40.52
C ILE C 105 -1.46 -12.40 41.39
N LYS C 106 -2.52 -11.63 41.68
CA LYS C 106 -3.63 -12.15 42.48
C LYS C 106 -4.39 -13.25 41.74
N LYS C 107 -4.46 -13.18 40.41
CA LYS C 107 -5.18 -14.20 39.66
C LYS C 107 -4.36 -15.47 39.49
N LEU C 108 -3.07 -15.34 39.18
CA LEU C 108 -2.26 -16.49 38.81
C LEU C 108 -1.51 -17.12 39.98
N GLY C 109 -1.22 -16.35 41.04
CA GLY C 109 -0.48 -16.89 42.16
C GLY C 109 1.02 -16.86 41.93
N GLU C 110 1.72 -17.78 42.59
CA GLU C 110 3.18 -17.82 42.61
C GLU C 110 3.78 -18.35 41.31
N HIS C 111 2.97 -18.82 40.37
CA HIS C 111 3.50 -19.34 39.12
C HIS C 111 3.96 -18.23 38.17
N ALA C 112 3.48 -17.01 38.36
CA ALA C 112 3.81 -15.89 37.50
C ALA C 112 4.68 -14.88 38.25
N TYR C 113 5.57 -14.23 37.50
CA TYR C 113 6.51 -13.25 38.02
C TYR C 113 6.42 -11.99 37.18
N PRO C 114 6.40 -10.81 37.81
CA PRO C 114 6.24 -9.57 37.05
C PRO C 114 7.56 -9.06 36.49
N PHE C 115 7.45 -8.17 35.52
CA PHE C 115 8.60 -7.46 34.97
C PHE C 115 8.16 -6.09 34.47
N THR C 116 9.09 -5.14 34.58
CA THR C 116 8.93 -3.78 34.04
C THR C 116 10.19 -3.37 33.30
N PHE C 117 10.00 -2.58 32.26
CA PHE C 117 11.06 -2.03 31.43
C PHE C 117 10.78 -0.56 31.17
N GLU C 118 11.86 0.22 31.09
CA GLU C 118 11.79 1.64 30.77
C GLU C 118 12.16 1.88 29.31
N ILE C 119 11.72 3.02 28.79
CA ILE C 119 11.92 3.40 27.40
C ILE C 119 12.75 4.68 27.37
N PRO C 120 13.95 4.65 26.78
CA PRO C 120 14.70 5.90 26.61
C PRO C 120 14.02 6.81 25.61
N PRO C 121 14.15 8.14 25.78
CA PRO C 121 13.46 9.07 24.89
C PRO C 121 14.15 9.33 23.56
N ASN C 122 15.23 8.60 23.23
CA ASN C 122 15.98 8.82 22.01
C ASN C 122 15.92 7.61 21.10
N LEU C 123 14.79 6.90 21.09
CA LEU C 123 14.54 5.73 20.27
C LEU C 123 13.68 6.09 19.06
N PRO C 124 13.90 5.44 17.92
CA PRO C 124 13.07 5.71 16.75
C PRO C 124 11.70 5.06 16.88
N CYS C 125 10.75 5.63 16.13
CA CYS C 125 9.40 5.09 16.14
C CYS C 125 9.34 3.79 15.33
N SER C 126 8.27 3.02 15.54
CA SER C 126 8.06 1.76 14.83
C SER C 126 7.61 2.09 13.40
N VAL C 127 8.59 2.36 12.54
CA VAL C 127 8.37 2.76 11.16
C VAL C 127 9.10 1.75 10.27
N THR C 128 8.42 1.26 9.25
CA THR C 128 8.97 0.28 8.32
C THR C 128 8.95 0.87 6.91
N LEU C 129 9.62 0.20 5.99
CA LEU C 129 9.61 0.62 4.60
C LEU C 129 8.66 -0.24 3.79
N GLN C 130 8.04 0.38 2.77
CA GLN C 130 7.28 -0.22 1.68
C GLN C 130 7.94 -1.47 1.12
N PRO C 131 7.24 -2.61 1.12
CA PRO C 131 7.80 -3.82 0.53
C PRO C 131 7.85 -3.74 -0.99
N GLY C 132 8.78 -4.52 -1.55
CA GLY C 132 8.92 -4.61 -2.98
C GLY C 132 7.86 -5.48 -3.62
N PRO C 133 7.94 -5.61 -4.96
CA PRO C 133 6.98 -6.47 -5.67
C PRO C 133 7.06 -7.92 -5.25
N GLU C 134 8.26 -8.43 -4.99
CA GLU C 134 8.47 -9.77 -4.47
C GLU C 134 8.73 -9.65 -2.97
N ASP C 135 8.03 -10.45 -2.18
CA ASP C 135 8.10 -10.36 -0.73
C ASP C 135 9.02 -11.45 -0.17
N THR C 136 10.08 -11.01 0.52
CA THR C 136 11.00 -11.94 1.16
C THR C 136 10.33 -12.68 2.32
N GLY C 137 9.40 -12.03 3.01
CA GLY C 137 8.78 -12.56 4.20
C GLY C 137 9.37 -12.02 5.48
N LYS C 138 10.44 -11.24 5.37
CA LYS C 138 11.08 -10.55 6.48
C LYS C 138 11.03 -9.07 6.16
N ALA C 139 10.61 -8.25 7.11
CA ALA C 139 10.38 -6.86 6.82
C ALA C 139 11.63 -6.01 7.06
N CYS C 140 11.49 -4.71 6.80
CA CYS C 140 12.60 -3.78 6.70
C CYS C 140 12.16 -2.49 7.37
N GLY C 141 12.87 -2.11 8.43
CA GLY C 141 12.44 -1.02 9.27
C GLY C 141 12.84 -1.29 10.70
N VAL C 142 12.27 -0.50 11.60
CA VAL C 142 12.56 -0.60 13.03
C VAL C 142 11.64 -1.66 13.63
N ASP C 143 12.24 -2.73 14.16
CA ASP C 143 11.50 -3.80 14.82
C ASP C 143 11.73 -3.72 16.33
N TYR C 144 10.64 -3.78 17.10
CA TYR C 144 10.69 -3.94 18.54
C TYR C 144 10.05 -5.27 18.91
N GLU C 145 10.62 -5.92 19.92
CA GLU C 145 9.96 -7.11 20.46
C GLU C 145 10.30 -7.26 21.94
N VAL C 146 9.39 -7.93 22.64
CA VAL C 146 9.61 -8.38 24.01
C VAL C 146 9.77 -9.88 23.96
N LYS C 147 10.91 -10.38 24.42
CA LYS C 147 11.23 -11.80 24.32
C LYS C 147 11.61 -12.35 25.67
N ALA C 148 10.97 -13.44 26.06
CA ALA C 148 11.31 -14.20 27.25
C ALA C 148 11.86 -15.56 26.82
N PHE C 149 12.88 -16.04 27.53
CA PHE C 149 13.53 -17.28 27.14
C PHE C 149 14.02 -18.00 28.38
N CYS C 150 14.19 -19.32 28.23
CA CYS C 150 14.68 -20.18 29.29
C CYS C 150 15.87 -20.98 28.78
N ALA C 151 16.95 -20.98 29.55
CA ALA C 151 18.15 -21.72 29.20
C ALA C 151 19.01 -21.90 30.44
N GLU C 152 19.84 -22.94 30.43
CA GLU C 152 20.87 -23.08 31.44
C GLU C 152 21.98 -22.05 31.25
N ASN C 153 22.33 -21.76 30.00
CA ASN C 153 23.41 -20.84 29.67
C ASN C 153 22.83 -19.61 28.97
N LEU C 154 23.21 -18.43 29.46
CA LEU C 154 22.77 -17.16 28.88
C LEU C 154 23.15 -17.02 27.41
N GLU C 155 24.30 -17.56 27.01
CA GLU C 155 24.82 -17.39 25.65
C GLU C 155 24.27 -18.44 24.67
N GLU C 156 23.29 -19.24 25.09
CA GLU C 156 22.65 -20.19 24.18
C GLU C 156 21.59 -19.47 23.36
N LYS C 157 21.79 -19.44 22.04
CA LYS C 157 20.89 -18.74 21.13
C LYS C 157 20.25 -19.67 20.10
N ILE C 158 20.18 -20.97 20.40
CA ILE C 158 19.67 -21.95 19.45
C ILE C 158 18.34 -22.55 19.86
N HIS C 159 17.90 -22.34 21.10
CA HIS C 159 16.64 -22.90 21.56
C HIS C 159 15.47 -22.05 21.06
N LYS C 160 14.41 -22.73 20.63
CA LYS C 160 13.23 -22.08 20.08
C LYS C 160 11.96 -22.36 20.86
N ARG C 161 11.80 -23.57 21.39
CA ARG C 161 10.53 -23.99 21.97
C ARG C 161 10.30 -23.40 23.35
N ASN C 162 11.34 -22.89 24.01
CA ASN C 162 11.21 -22.22 25.30
C ASN C 162 11.36 -20.71 25.17
N SER C 163 11.07 -20.17 23.98
CA SER C 163 11.14 -18.74 23.73
C SER C 163 9.76 -18.21 23.35
N VAL C 164 9.41 -17.05 23.91
CA VAL C 164 8.17 -16.35 23.59
C VAL C 164 8.53 -14.93 23.16
N ARG C 165 8.07 -14.53 21.99
CA ARG C 165 8.34 -13.18 21.49
C ARG C 165 7.04 -12.51 21.09
N LEU C 166 6.89 -11.25 21.48
CA LEU C 166 5.73 -10.46 21.11
C LEU C 166 6.18 -9.17 20.45
N VAL C 167 5.49 -8.79 19.37
CA VAL C 167 5.80 -7.58 18.63
C VAL C 167 5.00 -6.43 19.22
N ILE C 168 5.69 -5.32 19.50
CA ILE C 168 5.07 -4.12 20.02
C ILE C 168 5.36 -2.97 19.08
N ARG C 169 4.62 -1.88 19.25
CA ARG C 169 4.74 -0.72 18.38
C ARG C 169 4.93 0.54 19.21
N LYS C 170 5.84 1.41 18.76
CA LYS C 170 6.07 2.70 19.38
C LYS C 170 5.16 3.72 18.70
N VAL C 171 4.22 4.27 19.45
CA VAL C 171 3.15 5.09 18.90
C VAL C 171 3.30 6.51 19.43
N GLN C 172 3.15 7.48 18.54
CA GLN C 172 3.16 8.89 18.90
C GLN C 172 1.85 9.53 18.45
N TYR C 173 1.37 10.48 19.25
CA TYR C 173 0.10 11.14 19.01
C TYR C 173 0.31 12.58 18.54
N ALA C 174 -0.61 13.03 17.70
CA ALA C 174 -0.57 14.40 17.21
C ALA C 174 -0.73 15.39 18.36
N PRO C 175 0.05 16.47 18.38
CA PRO C 175 -0.07 17.44 19.47
C PRO C 175 -1.35 18.25 19.37
N GLU C 176 -1.87 18.64 20.53
CA GLU C 176 -3.11 19.40 20.63
C GLU C 176 -2.88 20.89 20.81
N ARG C 177 -1.65 21.35 20.58
CA ARG C 177 -1.30 22.77 20.72
C ARG C 177 -0.67 23.24 19.41
N PRO C 178 -1.48 23.59 18.41
CA PRO C 178 -0.92 24.04 17.14
C PRO C 178 -0.37 25.46 17.24
N GLY C 179 0.63 25.73 16.40
CA GLY C 179 1.20 27.05 16.33
C GLY C 179 0.58 27.89 15.23
N PRO C 180 1.31 28.88 14.74
CA PRO C 180 0.78 29.73 13.66
C PRO C 180 0.77 28.98 12.33
N GLN C 181 -0.01 29.54 11.40
CA GLN C 181 -0.09 29.02 10.04
C GLN C 181 1.26 29.10 9.34
N PRO C 182 1.81 27.97 8.86
CA PRO C 182 3.10 28.03 8.16
C PRO C 182 3.01 28.76 6.83
N THR C 183 4.05 29.54 6.54
CA THR C 183 4.11 30.30 5.30
C THR C 183 5.56 30.38 4.84
N ALA C 184 5.72 30.58 3.53
CA ALA C 184 7.05 30.70 2.93
C ALA C 184 6.95 31.57 1.70
N GLU C 185 8.07 32.20 1.35
CA GLU C 185 8.12 33.06 0.18
C GLU C 185 9.53 33.01 -0.40
N THR C 186 9.62 33.01 -1.72
CA THR C 186 10.88 33.02 -2.42
C THR C 186 10.87 34.10 -3.51
N THR C 187 12.06 34.60 -3.82
CA THR C 187 12.25 35.64 -4.82
C THR C 187 13.29 35.16 -5.82
N ARG C 188 12.99 35.31 -7.11
CA ARG C 188 13.89 34.88 -8.18
C ARG C 188 14.25 36.05 -9.07
N GLN C 189 15.55 36.23 -9.30
CA GLN C 189 16.07 37.24 -10.21
C GLN C 189 17.14 36.61 -11.09
N PHE C 190 17.23 37.07 -12.33
CA PHE C 190 18.19 36.55 -13.29
C PHE C 190 19.03 37.69 -13.85
N LEU C 191 20.15 37.32 -14.46
CA LEU C 191 20.96 38.30 -15.18
C LEU C 191 20.25 38.77 -16.45
N MET C 192 19.50 37.89 -17.11
CA MET C 192 18.78 38.27 -18.32
C MET C 192 17.56 39.12 -18.02
N SER C 193 16.96 38.94 -16.84
CA SER C 193 15.78 39.70 -16.44
C SER C 193 15.93 40.10 -14.98
N ASP C 194 16.18 41.39 -14.74
CA ASP C 194 16.49 41.87 -13.40
C ASP C 194 15.26 41.98 -12.50
N LYS C 195 14.06 41.98 -13.07
CA LYS C 195 12.85 42.18 -12.28
C LYS C 195 12.54 40.93 -11.47
N PRO C 196 12.18 41.07 -10.20
CA PRO C 196 11.99 39.90 -9.34
C PRO C 196 10.66 39.19 -9.60
N LEU C 197 10.68 37.88 -9.34
CA LEU C 197 9.48 37.06 -9.32
C LEU C 197 9.28 36.56 -7.90
N HIS C 198 8.13 36.87 -7.30
CA HIS C 198 7.83 36.53 -5.92
C HIS C 198 6.82 35.39 -5.89
N LEU C 199 7.20 34.26 -5.32
CA LEU C 199 6.33 33.09 -5.17
C LEU C 199 6.14 32.82 -3.68
N GLU C 200 4.91 33.01 -3.19
CA GLU C 200 4.59 32.80 -1.79
C GLU C 200 3.56 31.68 -1.67
N ALA C 201 3.69 30.88 -0.61
CA ALA C 201 2.73 29.81 -0.35
C ALA C 201 2.51 29.69 1.14
N SER C 202 1.26 29.46 1.54
CA SER C 202 0.92 29.35 2.95
C SER C 202 -0.05 28.21 3.17
N LEU C 203 -0.01 27.63 4.36
CA LEU C 203 -0.90 26.55 4.74
C LEU C 203 -1.98 27.06 5.70
N ASP C 204 -3.10 26.34 5.73
CA ASP C 204 -4.20 26.73 6.59
C ASP C 204 -3.97 26.30 8.04
N LYS C 205 -3.27 25.20 8.26
CA LYS C 205 -2.96 24.74 9.61
C LYS C 205 -1.56 24.15 9.62
N GLU C 206 -0.96 24.15 10.81
CA GLU C 206 0.34 23.51 11.03
C GLU C 206 0.20 22.03 11.35
N ILE C 207 -0.81 21.66 12.13
CA ILE C 207 -0.99 20.29 12.60
C ILE C 207 -2.09 19.64 11.77
N TYR C 208 -1.79 18.49 11.17
CA TYR C 208 -2.72 17.77 10.32
C TYR C 208 -2.97 16.38 10.88
N TYR C 209 -4.17 15.87 10.62
CA TYR C 209 -4.55 14.51 10.98
C TYR C 209 -4.49 13.61 9.76
N HIS C 210 -4.29 12.31 9.99
CA HIS C 210 -4.32 11.33 8.92
C HIS C 210 -5.70 11.26 8.29
N GLY C 211 -5.75 11.47 6.98
CA GLY C 211 -7.01 11.59 6.26
C GLY C 211 -7.45 13.02 5.97
N GLU C 212 -6.74 14.02 6.48
CA GLU C 212 -7.11 15.41 6.24
C GLU C 212 -6.40 15.91 4.98
N PRO C 213 -7.12 16.39 3.98
CA PRO C 213 -6.45 16.98 2.81
C PRO C 213 -5.85 18.33 3.16
N ILE C 214 -4.90 18.75 2.33
CA ILE C 214 -4.13 19.96 2.59
C ILE C 214 -4.62 21.06 1.67
N SER C 215 -4.68 22.29 2.20
CA SER C 215 -5.06 23.47 1.43
C SER C 215 -3.92 24.47 1.49
N VAL C 216 -3.50 24.95 0.32
CA VAL C 216 -2.38 25.89 0.22
C VAL C 216 -2.83 27.12 -0.55
N ASN C 217 -2.51 28.29 -0.01
CA ASN C 217 -2.77 29.57 -0.66
C ASN C 217 -1.49 29.98 -1.37
N VAL C 218 -1.53 29.99 -2.70
CA VAL C 218 -0.39 30.31 -3.55
C VAL C 218 -0.59 31.71 -4.11
N HIS C 219 0.42 32.56 -3.96
CA HIS C 219 0.40 33.92 -4.49
C HIS C 219 1.63 34.13 -5.37
N VAL C 220 1.41 34.75 -6.53
CA VAL C 220 2.44 34.98 -7.52
C VAL C 220 2.47 36.46 -7.83
N THR C 221 3.65 37.08 -7.75
CA THR C 221 3.88 38.45 -8.16
C THR C 221 4.92 38.44 -9.26
N ASN C 222 4.51 38.73 -10.49
CA ASN C 222 5.37 38.67 -11.66
C ASN C 222 5.64 40.10 -12.12
N ASN C 223 6.86 40.58 -11.84
CA ASN C 223 7.26 41.93 -12.19
C ASN C 223 8.05 42.00 -13.49
N THR C 224 8.23 40.88 -14.18
CA THR C 224 9.00 40.80 -15.41
C THR C 224 8.08 40.41 -16.57
N ASN C 225 8.68 40.24 -17.74
CA ASN C 225 7.94 39.98 -18.98
C ASN C 225 7.71 38.49 -19.22
N LYS C 226 7.99 37.63 -18.24
CA LYS C 226 7.83 36.20 -18.40
C LYS C 226 6.40 35.78 -18.07
N THR C 227 5.94 34.73 -18.73
CA THR C 227 4.59 34.21 -18.57
C THR C 227 4.65 32.87 -17.86
N VAL C 228 3.84 32.72 -16.80
CA VAL C 228 3.83 31.50 -16.01
C VAL C 228 3.19 30.38 -16.80
N LYS C 229 3.87 29.25 -16.89
CA LYS C 229 3.40 28.10 -17.67
C LYS C 229 2.64 27.07 -16.84
N LYS C 230 3.14 26.74 -15.65
CA LYS C 230 2.45 25.75 -14.82
C LYS C 230 2.85 25.90 -13.36
N ILE C 231 2.06 25.28 -12.49
CA ILE C 231 2.30 25.26 -11.05
C ILE C 231 2.31 23.80 -10.60
N LYS C 232 3.47 23.32 -10.17
CA LYS C 232 3.63 21.94 -9.72
C LYS C 232 3.82 21.94 -8.20
N ILE C 233 2.82 21.47 -7.47
CA ILE C 233 2.88 21.38 -6.01
C ILE C 233 3.17 19.94 -5.65
N SER C 234 4.31 19.70 -4.99
CA SER C 234 4.78 18.36 -4.70
C SER C 234 4.90 18.17 -3.20
N VAL C 235 4.23 17.14 -2.69
CA VAL C 235 4.29 16.78 -1.27
C VAL C 235 5.24 15.61 -1.15
N ARG C 236 6.32 15.80 -0.37
CA ARG C 236 7.39 14.83 -0.27
C ARG C 236 7.64 14.46 1.18
N GLN C 237 8.07 13.22 1.37
CA GLN C 237 8.48 12.70 2.68
C GLN C 237 10.00 12.75 2.74
N TYR C 238 10.54 13.65 3.58
CA TYR C 238 11.99 13.77 3.74
C TYR C 238 12.42 12.84 4.86
N ALA C 239 12.60 11.56 4.49
CA ALA C 239 12.90 10.50 5.43
C ALA C 239 14.41 10.35 5.53
N ASP C 240 14.95 10.51 6.74
CA ASP C 240 16.40 10.49 6.92
C ASP C 240 16.81 9.49 7.99
N ILE C 241 17.82 8.69 7.68
CA ILE C 241 18.42 7.76 8.63
C ILE C 241 19.84 8.23 8.89
N CYS C 242 20.12 8.70 10.11
CA CYS C 242 21.47 9.17 10.43
C CYS C 242 22.47 8.03 10.51
N LEU C 243 22.06 6.89 11.05
CA LEU C 243 22.98 5.78 11.32
C LEU C 243 23.50 5.16 10.03
N PHE C 244 22.63 4.97 9.03
CA PHE C 244 23.05 4.35 7.79
C PHE C 244 24.04 5.22 7.02
N ASN C 245 23.72 6.51 6.85
CA ASN C 245 24.57 7.43 6.11
C ASN C 245 24.14 8.86 6.40
N THR C 246 25.02 9.80 6.06
CA THR C 246 24.70 11.23 6.19
C THR C 246 24.03 11.68 4.89
N ALA C 247 22.79 11.23 4.72
CA ALA C 247 22.02 11.55 3.52
C ALA C 247 20.54 11.44 3.86
N GLN C 248 19.71 12.15 3.08
CA GLN C 248 18.27 12.15 3.27
C GLN C 248 17.58 11.94 1.93
N TYR C 249 16.68 10.95 1.88
CA TYR C 249 15.90 10.69 0.69
C TYR C 249 14.76 11.70 0.56
N LYS C 250 14.35 11.96 -0.68
CA LYS C 250 13.25 12.87 -0.96
C LYS C 250 12.12 12.06 -1.62
N CYS C 251 11.43 11.27 -0.80
CA CYS C 251 10.47 10.29 -1.30
C CYS C 251 9.25 10.99 -1.90
N PRO C 252 8.81 10.59 -3.09
CA PRO C 252 7.57 11.16 -3.65
C PRO C 252 6.35 10.62 -2.92
N VAL C 253 5.44 11.51 -2.54
CA VAL C 253 4.18 11.15 -1.92
C VAL C 253 2.99 11.64 -2.75
N ALA C 254 3.00 12.91 -3.13
CA ALA C 254 1.88 13.46 -3.89
C ALA C 254 2.39 14.53 -4.84
N MET C 255 1.62 14.75 -5.90
CA MET C 255 1.95 15.79 -6.88
C MET C 255 0.67 16.29 -7.52
N GLU C 256 0.61 17.61 -7.74
CA GLU C 256 -0.52 18.24 -8.41
C GLU C 256 0.01 19.26 -9.40
N GLU C 257 -0.32 19.08 -10.68
CA GLU C 257 0.13 19.95 -11.75
C GLU C 257 -1.07 20.77 -12.23
N ALA C 258 -1.11 22.05 -11.85
CA ALA C 258 -2.14 22.96 -12.29
C ALA C 258 -1.64 23.77 -13.48
N ASP C 259 -2.52 23.98 -14.45
CA ASP C 259 -2.19 24.68 -15.68
C ASP C 259 -2.68 26.12 -15.68
N ASP C 260 -2.91 26.70 -14.50
CA ASP C 260 -3.32 28.09 -14.41
C ASP C 260 -2.13 28.99 -14.74
N THR C 261 -2.30 29.85 -15.74
CA THR C 261 -1.25 30.76 -16.19
C THR C 261 -1.44 32.13 -15.55
N VAL C 262 -0.36 32.91 -15.57
CA VAL C 262 -0.35 34.25 -15.02
C VAL C 262 0.25 35.19 -16.05
N ALA C 263 -0.43 36.32 -16.29
CA ALA C 263 0.07 37.32 -17.21
C ALA C 263 1.34 37.96 -16.66
N PRO C 264 2.25 38.40 -17.54
CA PRO C 264 3.45 39.11 -17.07
C PRO C 264 3.09 40.47 -16.50
N SER C 265 3.89 40.87 -15.48
CA SER C 265 3.71 42.10 -14.71
C SER C 265 2.30 42.17 -14.09
N SER C 266 1.98 41.14 -13.31
CA SER C 266 0.66 41.03 -12.70
C SER C 266 0.76 40.19 -11.43
N THR C 267 -0.36 40.11 -10.72
CA THR C 267 -0.46 39.34 -9.49
C THR C 267 -1.49 38.24 -9.65
N PHE C 268 -1.41 37.25 -8.78
CA PHE C 268 -2.33 36.11 -8.80
C PHE C 268 -2.38 35.51 -7.40
N CYS C 269 -3.58 35.09 -6.99
CA CYS C 269 -3.78 34.44 -5.71
C CYS C 269 -4.82 33.34 -5.88
N LYS C 270 -4.49 32.14 -5.40
CA LYS C 270 -5.41 31.01 -5.59
C LYS C 270 -5.18 29.98 -4.49
N VAL C 271 -6.28 29.44 -3.98
CA VAL C 271 -6.22 28.34 -3.01
C VAL C 271 -6.34 27.02 -3.77
N TYR C 272 -5.38 26.14 -3.56
CA TYR C 272 -5.38 24.79 -4.13
C TYR C 272 -5.54 23.77 -3.01
N THR C 273 -6.13 22.62 -3.36
CA THR C 273 -6.34 21.53 -2.43
C THR C 273 -5.65 20.28 -2.95
N LEU C 274 -4.80 19.69 -2.13
CA LEU C 274 -4.11 18.44 -2.45
C LEU C 274 -4.58 17.32 -1.53
N THR C 275 -4.79 16.14 -2.12
CA THR C 275 -5.31 14.98 -1.40
C THR C 275 -4.36 13.80 -1.63
N PRO C 276 -3.48 13.51 -0.67
CA PRO C 276 -2.49 12.45 -0.87
C PRO C 276 -3.05 11.03 -0.72
N PHE C 277 -3.60 10.49 -1.81
CA PHE C 277 -4.08 9.11 -1.82
C PHE C 277 -2.93 8.13 -1.59
N LEU C 278 -3.13 7.19 -0.66
CA LEU C 278 -2.10 6.20 -0.37
C LEU C 278 -1.97 5.18 -1.50
N CYS C 279 -3.10 4.81 -2.13
CA CYS C 279 -3.13 3.75 -3.13
C CYS C 279 -2.33 4.10 -4.38
N ASN C 280 -2.13 5.40 -4.65
CA ASN C 280 -1.25 5.81 -5.74
C ASN C 280 0.19 5.39 -5.47
N ASN C 281 0.61 5.43 -4.20
CA ASN C 281 1.97 5.07 -3.81
C ASN C 281 2.08 3.63 -3.35
N ARG C 282 1.27 2.74 -3.89
CA ARG C 282 1.35 1.33 -3.53
C ARG C 282 2.59 0.69 -4.14
N GLU C 283 3.33 -0.07 -3.30
CA GLU C 283 4.48 -0.89 -3.70
C GLU C 283 5.59 -0.06 -4.35
N LYS C 284 5.87 1.10 -3.78
CA LYS C 284 6.93 1.98 -4.26
C LYS C 284 8.05 1.97 -3.25
N ARG C 285 9.24 1.52 -3.66
CA ARG C 285 10.38 1.41 -2.76
C ARG C 285 10.86 2.77 -2.27
N GLY C 286 11.22 2.83 -0.99
CA GLY C 286 11.65 4.05 -0.35
C GLY C 286 10.57 4.75 0.45
N LEU C 287 9.32 4.31 0.35
CA LEU C 287 8.23 4.91 1.10
C LEU C 287 8.16 4.31 2.51
N ALA C 288 8.16 5.18 3.51
CA ALA C 288 8.08 4.76 4.91
C ALA C 288 6.64 4.80 5.39
N LEU C 289 6.21 3.73 6.05
CA LEU C 289 4.88 3.62 6.61
C LEU C 289 4.98 3.24 8.08
N ASP C 290 3.87 3.44 8.79
CA ASP C 290 3.78 3.03 10.18
C ASP C 290 3.85 1.52 10.33
N GLY C 291 4.43 1.07 11.44
CA GLY C 291 4.60 -0.36 11.66
C GLY C 291 3.28 -1.07 11.87
N LYS C 292 3.26 -2.35 11.49
CA LYS C 292 2.06 -3.17 11.57
C LYS C 292 2.45 -4.59 11.91
N LEU C 293 1.47 -5.35 12.40
CA LEU C 293 1.67 -6.74 12.79
C LEU C 293 0.93 -7.66 11.83
N LYS C 294 1.55 -8.82 11.54
CA LYS C 294 1.00 -9.89 10.70
C LYS C 294 0.65 -9.42 9.30
N HIS C 295 1.45 -8.48 8.76
CA HIS C 295 1.36 -7.97 7.38
C HIS C 295 -0.01 -7.36 7.08
N GLU C 296 -0.60 -6.71 8.07
CA GLU C 296 -1.89 -6.06 7.90
C GLU C 296 -1.73 -4.72 7.18
N ASP C 297 -2.85 -4.07 6.91
CA ASP C 297 -2.83 -2.76 6.28
C ASP C 297 -2.39 -1.69 7.29
N THR C 298 -1.73 -0.67 6.78
CA THR C 298 -1.24 0.41 7.63
C THR C 298 -1.25 1.71 6.84
N ASN C 299 -1.20 2.82 7.58
CA ASN C 299 -1.26 4.15 7.00
C ASN C 299 0.16 4.67 6.76
N LEU C 300 0.24 5.92 6.30
CA LEU C 300 1.53 6.59 6.15
C LEU C 300 2.18 6.83 7.52
N ALA C 301 3.51 6.86 7.52
CA ALA C 301 4.26 7.05 8.75
C ALA C 301 4.05 8.47 9.29
N SER C 302 3.79 8.56 10.59
CA SER C 302 3.58 9.85 11.23
C SER C 302 4.91 10.60 11.38
N SER C 303 4.82 11.92 11.42
CA SER C 303 5.98 12.77 11.61
C SER C 303 6.57 12.57 13.01
N THR C 304 7.90 12.49 13.09
CA THR C 304 8.59 12.20 14.33
C THR C 304 8.80 13.50 15.10
N LEU C 305 8.37 13.52 16.36
CA LEU C 305 8.55 14.67 17.23
C LEU C 305 9.90 14.56 17.94
N LEU C 306 10.71 15.60 17.79
CA LEU C 306 12.07 15.62 18.34
C LEU C 306 12.25 16.89 19.17
N ARG C 307 12.79 16.73 20.37
CA ARG C 307 13.04 17.86 21.25
C ARG C 307 14.12 18.77 20.67
N GLU C 308 13.84 20.08 20.68
CA GLU C 308 14.81 21.06 20.21
C GLU C 308 16.02 21.14 21.13
N GLY C 309 15.80 20.98 22.44
CA GLY C 309 16.89 21.09 23.40
C GLY C 309 17.95 20.01 23.25
N ALA C 310 17.53 18.79 22.91
CA ALA C 310 18.46 17.67 22.80
C ALA C 310 19.47 17.88 21.68
N ASN C 311 18.98 18.24 20.49
CA ASN C 311 19.78 18.50 19.28
C ASN C 311 20.73 17.34 18.96
N ARG C 312 20.18 16.14 18.99
CA ARG C 312 20.96 14.93 18.80
C ARG C 312 20.35 14.09 17.69
N GLU C 313 21.23 13.38 16.98
CA GLU C 313 20.82 12.49 15.91
C GLU C 313 20.12 11.26 16.47
N ILE C 314 19.42 10.55 15.58
CA ILE C 314 18.62 9.40 15.97
C ILE C 314 18.80 8.29 14.93
N LEU C 315 19.31 7.14 15.37
CA LEU C 315 19.43 5.97 14.52
C LEU C 315 18.04 5.46 14.14
N GLY C 316 17.94 4.90 12.94
CA GLY C 316 16.66 4.43 12.44
C GLY C 316 16.05 5.44 11.49
N ILE C 317 14.74 5.42 11.33
CA ILE C 317 14.05 6.24 10.32
C ILE C 317 13.42 7.44 10.99
N ILE C 318 13.80 8.65 10.56
CA ILE C 318 13.18 9.88 11.04
C ILE C 318 12.34 10.44 9.90
N VAL C 319 11.04 10.60 10.16
CA VAL C 319 10.04 10.95 9.16
C VAL C 319 9.67 12.42 9.31
N SER C 320 9.71 13.15 8.19
CA SER C 320 9.25 14.53 8.15
C SER C 320 8.70 14.82 6.76
N TYR C 321 7.67 15.66 6.70
CA TYR C 321 6.95 15.94 5.47
C TYR C 321 7.12 17.41 5.11
N LYS C 322 7.46 17.66 3.84
CA LYS C 322 7.54 19.03 3.34
C LYS C 322 6.86 19.11 1.98
N VAL C 323 6.29 20.27 1.69
CA VAL C 323 5.63 20.52 0.42
C VAL C 323 6.39 21.63 -0.31
N LYS C 324 6.64 21.43 -1.60
CA LYS C 324 7.35 22.40 -2.41
C LYS C 324 6.43 22.89 -3.51
N VAL C 325 6.52 24.18 -3.81
CA VAL C 325 5.68 24.80 -4.83
C VAL C 325 6.61 25.27 -5.94
N LYS C 326 6.67 24.52 -7.03
CA LYS C 326 7.53 24.84 -8.17
C LYS C 326 6.70 25.56 -9.22
N LEU C 327 6.96 26.85 -9.39
CA LEU C 327 6.34 27.65 -10.43
C LEU C 327 7.21 27.56 -11.67
N VAL C 328 6.68 26.94 -12.72
CA VAL C 328 7.41 26.75 -13.97
C VAL C 328 6.98 27.88 -14.90
N VAL C 329 7.91 28.77 -15.19
CA VAL C 329 7.67 30.02 -15.90
C VAL C 329 8.65 30.09 -17.06
N SER C 330 8.21 30.65 -18.19
CA SER C 330 9.09 30.74 -19.35
C SER C 330 8.65 31.90 -20.24
N ARG C 331 9.65 32.60 -20.79
CA ARG C 331 9.44 33.59 -21.84
C ARG C 331 9.83 33.09 -23.21
N GLY C 332 10.99 32.42 -23.31
CA GLY C 332 11.47 31.91 -24.58
C GLY C 332 12.51 32.81 -25.22
N GLY C 333 13.77 32.32 -25.28
CA GLY C 333 14.85 33.02 -25.93
C GLY C 333 15.88 33.60 -24.98
N LEU C 334 15.46 33.96 -23.77
CA LEU C 334 16.38 34.57 -22.81
C LEU C 334 17.42 33.57 -22.30
N LEU C 335 16.98 32.36 -21.95
CA LEU C 335 17.88 31.28 -21.54
C LEU C 335 17.82 30.10 -22.50
N GLY C 336 17.29 30.30 -23.70
CA GLY C 336 17.00 29.21 -24.60
C GLY C 336 15.53 29.16 -24.98
N ASP C 337 15.25 28.67 -26.20
CA ASP C 337 13.87 28.65 -26.70
C ASP C 337 13.01 27.67 -25.94
N LEU C 338 13.57 26.52 -25.54
CA LEU C 338 12.84 25.49 -24.83
C LEU C 338 13.18 25.46 -23.34
N ALA C 339 13.92 26.45 -22.84
CA ALA C 339 14.28 26.49 -21.44
C ALA C 339 13.17 27.13 -20.61
N SER C 340 13.17 26.81 -19.32
CA SER C 340 12.21 27.39 -18.39
C SER C 340 12.85 27.54 -17.02
N SER C 341 12.27 28.44 -16.23
CA SER C 341 12.72 28.68 -14.86
C SER C 341 11.74 27.99 -13.90
N ASP C 342 12.28 27.14 -13.03
CA ASP C 342 11.51 26.44 -12.01
C ASP C 342 11.83 27.10 -10.67
N VAL C 343 10.92 27.94 -10.20
CA VAL C 343 11.12 28.69 -8.97
C VAL C 343 10.39 27.96 -7.86
N ALA C 344 11.13 27.41 -6.89
CA ALA C 344 10.55 26.50 -5.92
C ALA C 344 10.89 26.94 -4.50
N VAL C 345 9.93 26.71 -3.61
CA VAL C 345 10.11 26.96 -2.18
C VAL C 345 9.47 25.81 -1.41
N GLU C 346 10.15 25.38 -0.35
CA GLU C 346 9.69 24.32 0.53
C GLU C 346 9.03 24.89 1.79
N LEU C 347 8.10 24.13 2.34
CA LEU C 347 7.38 24.46 3.55
C LEU C 347 7.11 23.19 4.34
N PRO C 348 7.59 23.10 5.58
CA PRO C 348 7.36 21.89 6.39
C PRO C 348 5.91 21.78 6.84
N PHE C 349 5.48 20.54 7.12
CA PHE C 349 4.21 20.31 7.79
C PHE C 349 4.29 19.02 8.57
N THR C 350 3.36 18.86 9.52
CA THR C 350 3.29 17.71 10.39
C THR C 350 2.00 16.94 10.13
N LEU C 351 2.12 15.64 9.89
CA LEU C 351 0.98 14.76 9.69
C LEU C 351 1.09 13.59 10.64
N MET C 352 0.25 13.57 11.68
CA MET C 352 0.23 12.51 12.67
C MET C 352 -1.21 12.05 12.88
N HIS C 353 -1.38 11.10 13.80
CA HIS C 353 -2.70 10.56 14.11
C HIS C 353 -3.08 10.89 15.55
N PRO C 354 -4.28 11.43 15.79
CA PRO C 354 -4.69 11.73 17.16
C PRO C 354 -4.97 10.47 17.97
N LYS C 355 -4.60 10.51 19.26
CA LYS C 355 -4.82 9.40 20.18
C LYS C 355 -6.29 9.29 20.63
N PRO C 356 -6.94 10.32 21.26
CA PRO C 356 -8.35 10.11 21.68
C PRO C 356 -9.35 9.79 20.55
N VAL D 6 -22.53 18.89 8.41
CA VAL D 6 -22.37 17.66 7.65
C VAL D 6 -23.75 17.10 7.29
N GLN D 7 -23.95 16.80 6.01
CA GLN D 7 -25.20 16.23 5.54
C GLN D 7 -24.91 15.09 4.57
N LEU D 8 -25.76 14.07 4.62
CA LEU D 8 -25.71 12.95 3.69
C LEU D 8 -27.09 12.75 3.11
N VAL D 9 -27.21 12.90 1.79
CA VAL D 9 -28.50 12.87 1.10
C VAL D 9 -28.47 11.76 0.06
N GLU D 10 -29.26 10.71 0.29
CA GLU D 10 -29.47 9.67 -0.71
C GLU D 10 -30.41 10.16 -1.80
N SER D 11 -30.17 9.69 -3.02
CA SER D 11 -31.04 10.03 -4.15
C SER D 11 -31.00 8.91 -5.17
N GLY D 12 -32.13 8.66 -5.81
CA GLY D 12 -32.18 7.68 -6.88
C GLY D 12 -33.10 6.50 -6.63
N GLY D 13 -33.89 6.55 -5.55
CA GLY D 13 -34.79 5.47 -5.22
C GLY D 13 -36.08 5.50 -6.03
N GLY D 14 -37.06 4.74 -5.57
CA GLY D 14 -38.33 4.68 -6.24
C GLY D 14 -38.70 3.30 -6.74
N LEU D 15 -39.60 3.25 -7.72
CA LEU D 15 -40.09 1.99 -8.29
C LEU D 15 -39.31 1.68 -9.56
N VAL D 16 -38.69 0.50 -9.59
CA VAL D 16 -37.96 0.02 -10.75
C VAL D 16 -38.45 -1.39 -11.09
N GLN D 17 -38.02 -1.89 -12.24
CA GLN D 17 -38.41 -3.18 -12.76
C GLN D 17 -37.30 -4.21 -12.58
N PRO D 18 -37.64 -5.49 -12.40
CA PRO D 18 -36.59 -6.51 -12.32
C PRO D 18 -35.93 -6.74 -13.67
N GLY D 19 -34.62 -6.98 -13.63
CA GLY D 19 -33.82 -7.11 -14.83
C GLY D 19 -33.24 -5.82 -15.35
N GLY D 20 -33.61 -4.68 -14.77
CA GLY D 20 -33.16 -3.39 -15.23
C GLY D 20 -31.88 -2.94 -14.56
N SER D 21 -31.66 -1.64 -14.59
CA SER D 21 -30.45 -1.04 -14.03
C SER D 21 -30.78 0.36 -13.55
N LEU D 22 -30.00 0.85 -12.59
CA LEU D 22 -30.20 2.20 -12.07
C LEU D 22 -28.90 2.70 -11.44
N ARG D 23 -28.89 3.99 -11.11
CA ARG D 23 -27.77 4.62 -10.42
C ARG D 23 -28.30 5.28 -9.15
N LEU D 24 -27.78 4.87 -8.00
CA LEU D 24 -28.13 5.47 -6.72
C LEU D 24 -26.96 6.33 -6.26
N SER D 25 -27.23 7.60 -6.00
CA SER D 25 -26.20 8.53 -5.57
C SER D 25 -26.37 8.87 -4.10
N CYS D 26 -25.26 9.27 -3.49
CA CYS D 26 -25.21 9.68 -2.09
C CYS D 26 -24.37 10.94 -2.05
N ALA D 27 -25.04 12.10 -2.00
CA ALA D 27 -24.36 13.38 -1.91
C ALA D 27 -23.99 13.67 -0.46
N ALA D 28 -22.89 14.41 -0.29
CA ALA D 28 -22.34 14.67 1.03
C ALA D 28 -21.91 16.11 1.13
N SER D 29 -21.92 16.63 2.36
CA SER D 29 -21.41 17.96 2.62
C SER D 29 -20.87 18.02 4.04
N GLY D 30 -19.92 18.92 4.25
CA GLY D 30 -19.34 19.15 5.56
C GLY D 30 -18.12 18.32 5.88
N PHE D 31 -17.63 17.51 4.95
CA PHE D 31 -16.45 16.68 5.18
C PHE D 31 -15.84 16.31 3.84
N ASN D 32 -14.75 15.55 3.90
CA ASN D 32 -14.10 14.96 2.74
C ASN D 32 -14.01 13.46 2.92
N VAL D 33 -14.24 12.72 1.82
CA VAL D 33 -14.19 11.26 1.87
C VAL D 33 -12.79 10.71 2.13
N TYR D 34 -11.75 11.53 1.98
CA TYR D 34 -10.39 11.10 2.34
C TYR D 34 -10.23 10.86 3.84
N SER D 35 -11.13 11.40 4.67
CA SER D 35 -11.08 11.21 6.11
C SER D 35 -12.02 10.12 6.60
N SER D 36 -12.73 9.44 5.72
CA SER D 36 -13.82 8.57 6.14
C SER D 36 -13.92 7.35 5.24
N SER D 37 -14.65 6.35 5.72
CA SER D 37 -15.07 5.20 4.94
C SER D 37 -16.57 5.28 4.71
N ILE D 38 -17.01 4.90 3.52
CA ILE D 38 -18.40 5.01 3.11
C ILE D 38 -19.00 3.61 3.06
N HIS D 39 -20.13 3.43 3.76
CA HIS D 39 -20.78 2.14 3.86
C HIS D 39 -22.21 2.25 3.37
N TRP D 40 -22.69 1.20 2.70
CA TRP D 40 -24.08 1.09 2.30
C TRP D 40 -24.71 -0.07 3.03
N VAL D 41 -25.88 0.16 3.65
CA VAL D 41 -26.63 -0.91 4.27
C VAL D 41 -28.08 -0.85 3.77
N ARG D 42 -28.78 -1.97 3.93
CA ARG D 42 -30.15 -2.07 3.47
C ARG D 42 -31.03 -2.67 4.56
N GLN D 43 -32.24 -2.14 4.68
CA GLN D 43 -33.25 -2.63 5.60
C GLN D 43 -34.36 -3.24 4.77
N ALA D 44 -34.46 -4.57 4.76
CA ALA D 44 -35.57 -5.25 4.14
C ALA D 44 -36.83 -5.05 4.97
N PRO D 45 -38.01 -5.06 4.35
CA PRO D 45 -39.27 -5.02 5.12
C PRO D 45 -39.41 -6.24 6.02
N GLY D 46 -39.55 -5.98 7.33
CA GLY D 46 -39.60 -7.04 8.31
C GLY D 46 -38.27 -7.54 8.79
N LYS D 47 -37.16 -7.02 8.26
CA LYS D 47 -35.82 -7.47 8.64
C LYS D 47 -35.01 -6.28 9.13
N GLY D 48 -33.81 -6.59 9.65
CA GLY D 48 -32.88 -5.59 10.12
C GLY D 48 -31.91 -5.13 9.04
N LEU D 49 -30.92 -4.36 9.49
CA LEU D 49 -29.90 -3.84 8.59
C LEU D 49 -28.84 -4.91 8.30
N GLU D 50 -28.46 -5.02 7.03
CA GLU D 50 -27.36 -5.88 6.62
C GLU D 50 -26.43 -5.10 5.71
N TRP D 51 -25.15 -5.46 5.74
CA TRP D 51 -24.14 -4.75 4.97
C TRP D 51 -24.28 -5.07 3.48
N VAL D 52 -23.91 -4.09 2.65
CA VAL D 52 -24.02 -4.23 1.20
C VAL D 52 -22.65 -4.01 0.56
N ALA D 53 -22.04 -2.86 0.83
CA ALA D 53 -20.78 -2.51 0.21
C ALA D 53 -20.07 -1.47 1.07
N SER D 54 -18.75 -1.40 0.89
CA SER D 54 -17.94 -0.42 1.60
C SER D 54 -16.82 0.06 0.70
N ILE D 55 -16.50 1.35 0.80
CA ILE D 55 -15.39 1.96 0.09
C ILE D 55 -14.50 2.67 1.12
N SER D 56 -13.20 2.40 1.04
CA SER D 56 -12.19 3.05 1.88
C SER D 56 -11.32 3.88 0.95
N SER D 57 -11.55 5.20 0.98
CA SER D 57 -10.91 6.12 0.03
C SER D 57 -9.42 6.24 0.29
N TYR D 58 -9.02 6.43 1.55
CA TYR D 58 -7.59 6.57 1.88
C TYR D 58 -6.84 5.26 1.61
N TYR D 59 -7.39 4.14 2.08
CA TYR D 59 -6.81 2.84 1.76
C TYR D 59 -7.05 2.44 0.31
N CYS D 60 -8.09 2.99 -0.33
CA CYS D 60 -8.52 2.64 -1.70
C CYS D 60 -8.91 1.17 -1.79
N TYR D 61 -9.64 0.68 -0.78
CA TYR D 61 -10.10 -0.70 -0.78
C TYR D 61 -11.62 -0.76 -0.82
N THR D 62 -12.15 -1.53 -1.76
CA THR D 62 -13.60 -1.67 -1.93
C THR D 62 -14.00 -3.09 -1.60
N TYR D 63 -14.97 -3.25 -0.70
CA TYR D 63 -15.45 -4.56 -0.29
C TYR D 63 -16.93 -4.70 -0.62
N TYR D 64 -17.32 -5.91 -1.02
CA TYR D 64 -18.66 -6.22 -1.48
C TYR D 64 -19.22 -7.40 -0.69
N ALA D 65 -20.50 -7.31 -0.35
CA ALA D 65 -21.20 -8.46 0.21
C ALA D 65 -21.32 -9.58 -0.80
N ASP D 66 -21.47 -10.81 -0.29
CA ASP D 66 -21.59 -11.98 -1.15
C ASP D 66 -22.88 -11.97 -1.97
N SER D 67 -23.96 -11.38 -1.44
CA SER D 67 -25.23 -11.37 -2.13
C SER D 67 -25.26 -10.38 -3.29
N VAL D 68 -24.32 -9.44 -3.36
CA VAL D 68 -24.32 -8.41 -4.39
C VAL D 68 -23.15 -8.53 -5.35
N LYS D 69 -22.20 -9.43 -5.11
CA LYS D 69 -21.11 -9.67 -6.04
C LYS D 69 -21.64 -10.23 -7.36
N GLY D 70 -21.13 -9.68 -8.46
CA GLY D 70 -21.52 -10.13 -9.78
C GLY D 70 -22.65 -9.34 -10.43
N ARG D 71 -23.36 -8.51 -9.66
CA ARG D 71 -24.47 -7.73 -10.20
C ARG D 71 -24.31 -6.23 -10.00
N PHE D 72 -23.81 -5.80 -8.85
CA PHE D 72 -23.74 -4.39 -8.50
C PHE D 72 -22.29 -3.90 -8.55
N THR D 73 -22.13 -2.60 -8.78
CA THR D 73 -20.82 -1.97 -8.73
C THR D 73 -20.96 -0.59 -8.10
N ILE D 74 -19.84 -0.04 -7.63
CA ILE D 74 -19.86 1.24 -6.93
C ILE D 74 -18.59 2.01 -7.25
N SER D 75 -18.73 3.33 -7.31
CA SER D 75 -17.59 4.25 -7.37
C SER D 75 -17.91 5.46 -6.51
N ALA D 76 -17.00 6.44 -6.53
CA ALA D 76 -17.19 7.64 -5.74
C ALA D 76 -16.42 8.79 -6.37
N ASP D 77 -17.02 9.99 -6.32
CA ASP D 77 -16.40 11.22 -6.77
C ASP D 77 -15.84 11.92 -5.54
N THR D 78 -14.51 11.94 -5.42
CA THR D 78 -13.85 12.56 -4.28
C THR D 78 -13.84 14.08 -4.37
N SER D 79 -13.98 14.63 -5.57
CA SER D 79 -14.07 16.08 -5.72
C SER D 79 -15.46 16.61 -5.37
N LYS D 80 -16.47 15.73 -5.34
CA LYS D 80 -17.80 16.10 -4.91
C LYS D 80 -18.25 15.30 -3.69
N ASN D 81 -17.43 14.35 -3.23
CA ASN D 81 -17.71 13.45 -2.10
C ASN D 81 -19.00 12.65 -2.30
N THR D 82 -19.31 12.30 -3.55
CA THR D 82 -20.61 11.72 -3.90
C THR D 82 -20.42 10.26 -4.28
N ALA D 83 -21.13 9.37 -3.59
CA ALA D 83 -21.07 7.95 -3.91
C ALA D 83 -22.03 7.63 -5.06
N TYR D 84 -21.60 6.75 -5.96
CA TYR D 84 -22.36 6.40 -7.15
C TYR D 84 -22.41 4.87 -7.26
N LEU D 85 -23.50 4.26 -6.83
CA LEU D 85 -23.67 2.83 -6.88
C LEU D 85 -24.55 2.49 -8.08
N GLN D 86 -23.96 1.82 -9.08
CA GLN D 86 -24.68 1.38 -10.25
C GLN D 86 -25.17 -0.04 -10.03
N MET D 87 -26.47 -0.24 -10.11
CA MET D 87 -27.12 -1.52 -9.85
C MET D 87 -27.60 -2.12 -11.15
N ASN D 88 -27.30 -3.39 -11.36
CA ASN D 88 -27.70 -4.14 -12.54
C ASN D 88 -28.25 -5.49 -12.10
N SER D 89 -29.03 -6.11 -12.98
CA SER D 89 -29.64 -7.43 -12.80
C SER D 89 -30.51 -7.46 -11.54
N LEU D 90 -31.51 -6.57 -11.53
CA LEU D 90 -32.38 -6.40 -10.38
C LEU D 90 -33.27 -7.61 -10.16
N ARG D 91 -33.49 -7.96 -8.90
CA ARG D 91 -34.39 -9.03 -8.50
C ARG D 91 -35.34 -8.50 -7.44
N ALA D 92 -36.40 -9.29 -7.19
CA ALA D 92 -37.49 -8.88 -6.30
C ALA D 92 -37.02 -8.68 -4.86
N GLU D 93 -36.02 -9.43 -4.42
CA GLU D 93 -35.53 -9.34 -3.05
C GLU D 93 -34.70 -8.09 -2.79
N ASP D 94 -34.41 -7.28 -3.81
CA ASP D 94 -33.69 -6.02 -3.64
C ASP D 94 -34.58 -4.88 -3.17
N THR D 95 -35.88 -5.09 -3.05
CA THR D 95 -36.79 -4.09 -2.49
C THR D 95 -36.46 -3.87 -1.01
N ALA D 96 -36.01 -2.65 -0.68
CA ALA D 96 -35.49 -2.36 0.65
C ALA D 96 -35.32 -0.85 0.80
N VAL D 97 -35.10 -0.42 2.03
CA VAL D 97 -34.71 0.96 2.31
C VAL D 97 -33.19 1.00 2.44
N TYR D 98 -32.55 1.80 1.59
CA TYR D 98 -31.10 1.87 1.52
C TYR D 98 -30.59 3.05 2.32
N TYR D 99 -29.68 2.80 3.25
CA TYR D 99 -29.04 3.82 4.06
C TYR D 99 -27.59 3.97 3.63
N CYS D 100 -27.17 5.20 3.39
CA CYS D 100 -25.79 5.58 3.15
C CYS D 100 -25.20 6.13 4.44
N ALA D 101 -24.04 5.60 4.85
CA ALA D 101 -23.48 5.93 6.15
C ALA D 101 -21.98 6.18 6.03
N ARG D 102 -21.47 6.92 7.01
CA ARG D 102 -20.07 7.35 7.04
C ARG D 102 -19.45 6.95 8.38
N SER D 103 -18.26 6.34 8.30
CA SER D 103 -17.51 5.93 9.48
C SER D 103 -16.12 6.54 9.44
N ARG D 104 -15.49 6.67 10.59
CA ARG D 104 -14.12 7.18 10.67
C ARG D 104 -13.14 6.09 10.26
N GLN D 105 -12.15 6.48 9.44
CA GLN D 105 -11.16 5.55 8.92
C GLN D 105 -9.99 5.34 9.87
N PHE D 106 -9.51 6.41 10.51
CA PHE D 106 -8.34 6.30 11.40
C PHE D 106 -8.65 5.49 12.65
N TRP D 107 -9.90 5.51 13.09
CA TRP D 107 -10.36 4.69 14.21
C TRP D 107 -11.76 4.18 13.91
N TYR D 108 -11.94 2.86 13.98
CA TYR D 108 -13.20 2.23 13.61
C TYR D 108 -14.20 2.43 14.74
N SER D 109 -14.80 3.62 14.77
CA SER D 109 -15.84 3.98 15.73
C SER D 109 -17.21 3.41 15.38
N GLY D 110 -17.32 2.56 14.36
CA GLY D 110 -18.61 2.07 13.93
C GLY D 110 -19.33 3.09 13.08
N LEU D 111 -20.63 2.88 12.92
CA LEU D 111 -21.45 3.83 12.17
C LEU D 111 -21.55 5.15 12.93
N ASP D 112 -21.24 6.24 12.24
CA ASP D 112 -21.20 7.56 12.87
C ASP D 112 -22.16 8.54 12.21
N TYR D 113 -22.01 8.80 10.92
CA TYR D 113 -22.89 9.74 10.21
C TYR D 113 -23.88 8.96 9.37
N TRP D 114 -25.12 9.44 9.34
CA TRP D 114 -26.20 8.73 8.68
C TRP D 114 -27.01 9.69 7.82
N GLY D 115 -27.50 9.17 6.69
CA GLY D 115 -28.61 9.76 5.99
C GLY D 115 -29.93 9.14 6.44
N GLN D 116 -31.01 9.57 5.81
CA GLN D 116 -32.33 9.04 6.13
C GLN D 116 -32.73 7.89 5.22
N GLY D 117 -31.98 7.61 4.17
CA GLY D 117 -32.21 6.47 3.33
C GLY D 117 -33.34 6.71 2.32
N THR D 118 -33.34 5.87 1.28
CA THR D 118 -34.39 5.93 0.27
C THR D 118 -34.94 4.54 0.01
N LEU D 119 -36.24 4.47 -0.26
CA LEU D 119 -36.91 3.20 -0.52
C LEU D 119 -36.81 2.86 -2.00
N VAL D 120 -36.39 1.62 -2.29
CA VAL D 120 -36.40 1.11 -3.65
C VAL D 120 -37.30 -0.12 -3.69
N THR D 121 -38.20 -0.14 -4.66
CA THR D 121 -39.15 -1.24 -4.86
C THR D 121 -38.95 -1.84 -6.24
N VAL D 122 -38.64 -3.13 -6.28
CA VAL D 122 -38.39 -3.84 -7.52
C VAL D 122 -39.62 -4.70 -7.81
N SER D 123 -40.43 -4.27 -8.77
CA SER D 123 -41.65 -5.00 -9.11
C SER D 123 -42.01 -4.73 -10.56
N SER D 124 -42.49 -5.77 -11.24
CA SER D 124 -42.92 -5.65 -12.62
C SER D 124 -44.36 -5.19 -12.75
N ALA D 125 -45.09 -5.05 -11.64
CA ALA D 125 -46.48 -4.61 -11.67
C ALA D 125 -46.57 -3.14 -12.07
N SER D 126 -47.60 -2.82 -12.84
CA SER D 126 -47.84 -1.46 -13.29
C SER D 126 -48.66 -0.69 -12.26
N THR D 127 -48.72 0.62 -12.44
CA THR D 127 -49.52 1.48 -11.57
C THR D 127 -51.00 1.24 -11.82
N LYS D 128 -51.75 0.97 -10.75
CA LYS D 128 -53.17 0.68 -10.84
C LYS D 128 -53.91 1.47 -9.77
N GLY D 129 -55.09 1.96 -10.13
CA GLY D 129 -55.89 2.73 -9.23
C GLY D 129 -56.52 1.87 -8.15
N PRO D 130 -56.89 2.47 -7.03
CA PRO D 130 -57.43 1.70 -5.91
C PRO D 130 -58.90 1.34 -6.11
N SER D 131 -59.30 0.25 -5.47
CA SER D 131 -60.70 -0.13 -5.33
C SER D 131 -61.10 0.11 -3.88
N VAL D 132 -62.11 0.96 -3.69
CA VAL D 132 -62.50 1.45 -2.38
C VAL D 132 -63.94 1.03 -2.12
N PHE D 133 -64.19 0.41 -0.96
CA PHE D 133 -65.53 -0.08 -0.68
C PHE D 133 -65.87 -0.06 0.81
N PRO D 134 -67.12 0.27 1.17
CA PRO D 134 -67.48 0.30 2.59
C PRO D 134 -67.62 -1.09 3.18
N LEU D 135 -67.23 -1.21 4.45
CA LEU D 135 -67.28 -2.46 5.19
C LEU D 135 -68.25 -2.34 6.36
N LEU D 149 -67.69 0.57 11.85
CA LEU D 149 -67.91 0.63 10.40
C LEU D 149 -66.62 1.03 9.71
N GLY D 150 -66.22 0.32 8.66
CA GLY D 150 -64.96 0.57 8.01
C GLY D 150 -65.13 0.91 6.53
N CYS D 151 -63.98 1.09 5.88
CA CYS D 151 -63.97 1.30 4.44
C CYS D 151 -62.61 0.83 3.94
N LEU D 152 -62.60 -0.27 3.19
CA LEU D 152 -61.37 -0.91 2.79
C LEU D 152 -60.91 -0.43 1.42
N VAL D 153 -59.60 -0.36 1.26
CA VAL D 153 -58.95 0.02 0.02
C VAL D 153 -58.03 -1.12 -0.39
N LYS D 154 -58.23 -1.65 -1.59
CA LYS D 154 -57.44 -2.77 -2.07
C LYS D 154 -57.04 -2.53 -3.51
N ASP D 155 -56.09 -3.36 -3.97
CA ASP D 155 -55.66 -3.44 -5.38
C ASP D 155 -55.10 -2.11 -5.89
N TYR D 156 -54.27 -1.46 -5.07
CA TYR D 156 -53.59 -0.24 -5.47
C TYR D 156 -52.08 -0.49 -5.50
N PHE D 157 -51.40 0.28 -6.35
CA PHE D 157 -49.95 0.18 -6.52
C PHE D 157 -49.46 1.45 -7.22
N PRO D 158 -48.32 2.02 -6.80
CA PRO D 158 -47.51 1.62 -5.65
C PRO D 158 -47.93 2.32 -4.36
N GLU D 159 -47.29 1.93 -3.25
CA GLU D 159 -47.40 2.65 -1.99
C GLU D 159 -46.71 4.01 -2.11
N PRO D 160 -47.11 5.01 -1.30
CA PRO D 160 -48.17 5.10 -0.29
C PRO D 160 -49.52 5.54 -0.83
N VAL D 161 -50.56 5.39 -0.01
CA VAL D 161 -51.88 5.96 -0.28
C VAL D 161 -52.32 6.68 1.00
N THR D 162 -53.12 7.73 0.83
CA THR D 162 -53.65 8.46 1.97
C THR D 162 -55.18 8.40 1.96
N VAL D 163 -55.77 8.58 3.14
CA VAL D 163 -57.21 8.47 3.31
C VAL D 163 -57.68 9.54 4.30
N SER D 164 -58.76 10.23 3.95
CA SER D 164 -59.40 11.20 4.82
C SER D 164 -60.80 10.72 5.17
N TRP D 165 -61.09 10.66 6.47
CA TRP D 165 -62.40 10.23 6.96
C TRP D 165 -63.27 11.47 7.20
N ASN D 166 -64.42 11.50 6.51
CA ASN D 166 -65.40 12.59 6.57
C ASN D 166 -64.77 13.95 6.28
N SER D 167 -63.93 13.97 5.23
CA SER D 167 -63.13 15.14 4.82
C SER D 167 -62.25 15.66 5.96
N GLY D 168 -61.74 14.73 6.78
CA GLY D 168 -60.85 15.08 7.87
C GLY D 168 -61.55 15.42 9.17
N ALA D 169 -62.88 15.49 9.20
CA ALA D 169 -63.60 15.82 10.41
C ALA D 169 -63.76 14.65 11.36
N LEU D 170 -63.50 13.43 10.91
CA LEU D 170 -63.71 12.24 11.74
C LEU D 170 -62.37 11.68 12.21
N GLY D 173 -62.11 7.33 17.31
CA GLY D 173 -62.43 5.93 17.05
C GLY D 173 -61.88 5.45 15.72
N VAL D 174 -61.09 6.28 15.07
CA VAL D 174 -60.53 5.95 13.76
C VAL D 174 -59.29 5.09 13.95
N HIS D 175 -59.30 3.89 13.39
CA HIS D 175 -58.17 2.97 13.43
C HIS D 175 -57.60 2.83 12.03
N THR D 176 -56.34 3.23 11.88
CA THR D 176 -55.60 3.19 10.63
C THR D 176 -54.56 2.08 10.73
N PHE D 177 -54.58 1.15 9.79
CA PHE D 177 -53.71 -0.02 9.88
C PHE D 177 -52.63 0.05 8.79
N PRO D 178 -51.44 -0.46 9.08
CA PRO D 178 -50.37 -0.48 8.07
C PRO D 178 -50.71 -1.39 6.89
N ALA D 179 -50.27 -0.96 5.70
CA ALA D 179 -50.52 -1.71 4.48
C ALA D 179 -49.69 -2.99 4.44
N VAL D 180 -50.21 -3.99 3.73
CA VAL D 180 -49.56 -5.27 3.56
C VAL D 180 -49.50 -5.61 2.08
N LEU D 181 -48.68 -6.58 1.75
CA LEU D 181 -48.51 -7.03 0.37
C LEU D 181 -49.46 -8.19 0.09
N GLN D 182 -50.24 -8.06 -0.98
CA GLN D 182 -51.09 -9.15 -1.42
C GLN D 182 -50.29 -10.15 -2.25
N SER D 183 -50.86 -11.35 -2.43
CA SER D 183 -50.20 -12.38 -3.22
C SER D 183 -50.16 -12.04 -4.71
N SER D 184 -51.03 -11.17 -5.19
CA SER D 184 -51.02 -10.75 -6.58
C SER D 184 -49.97 -9.69 -6.88
N GLY D 185 -49.32 -9.13 -5.86
CA GLY D 185 -48.39 -8.04 -6.02
C GLY D 185 -48.95 -6.67 -5.72
N LEU D 186 -50.25 -6.56 -5.47
CA LEU D 186 -50.90 -5.29 -5.17
C LEU D 186 -50.90 -5.05 -3.66
N TYR D 187 -51.34 -3.86 -3.27
CA TYR D 187 -51.37 -3.45 -1.88
C TYR D 187 -52.82 -3.29 -1.41
N SER D 188 -53.00 -3.39 -0.10
CA SER D 188 -54.31 -3.21 0.52
C SER D 188 -54.17 -2.34 1.76
N LEU D 189 -55.28 -1.71 2.14
CA LEU D 189 -55.30 -0.80 3.28
C LEU D 189 -56.53 -1.05 4.12
N SER D 190 -56.32 -1.28 5.42
CA SER D 190 -57.40 -1.47 6.38
C SER D 190 -57.61 -0.16 7.15
N SER D 191 -58.80 0.43 6.99
CA SER D 191 -59.15 1.66 7.68
C SER D 191 -60.57 1.54 8.21
N VAL D 192 -60.75 1.62 9.54
CA VAL D 192 -62.06 1.47 10.15
C VAL D 192 -62.29 2.63 11.10
N VAL D 193 -63.56 2.84 11.47
CA VAL D 193 -63.96 3.85 12.44
C VAL D 193 -64.85 3.15 13.46
N THR D 194 -64.53 3.33 14.74
CA THR D 194 -65.34 2.79 15.82
C THR D 194 -66.44 3.78 16.16
N VAL D 195 -67.69 3.37 15.98
CA VAL D 195 -68.85 4.25 16.19
C VAL D 195 -70.02 3.41 16.70
N PRO D 196 -70.69 3.82 17.79
CA PRO D 196 -71.83 3.08 18.34
C PRO D 196 -73.04 3.08 17.42
N TYR D 205 -70.56 8.12 6.16
CA TYR D 205 -69.50 9.13 6.19
C TYR D 205 -68.88 9.29 4.81
N ILE D 206 -67.77 10.04 4.75
CA ILE D 206 -67.07 10.31 3.51
C ILE D 206 -65.66 9.73 3.61
N CYS D 207 -65.24 9.01 2.58
CA CYS D 207 -63.91 8.40 2.53
C CYS D 207 -63.22 8.95 1.28
N ASN D 208 -62.33 9.92 1.48
CA ASN D 208 -61.58 10.54 0.39
C ASN D 208 -60.23 9.85 0.31
N VAL D 209 -60.06 8.99 -0.69
CA VAL D 209 -58.85 8.20 -0.86
C VAL D 209 -57.99 8.87 -1.92
N ASN D 210 -56.80 9.33 -1.53
CA ASN D 210 -55.88 9.99 -2.43
C ASN D 210 -54.69 9.08 -2.68
N HIS D 211 -54.64 8.49 -3.87
CA HIS D 211 -53.50 7.71 -4.35
C HIS D 211 -52.52 8.69 -4.98
N LYS D 212 -51.56 9.14 -4.16
CA LYS D 212 -50.59 10.14 -4.59
C LYS D 212 -49.66 9.73 -5.75
N PRO D 213 -49.13 8.49 -5.87
CA PRO D 213 -48.35 8.16 -7.08
C PRO D 213 -49.16 8.14 -8.37
N SER D 214 -50.47 7.98 -8.29
CA SER D 214 -51.33 8.07 -9.47
C SER D 214 -52.26 9.27 -9.42
N ASN D 215 -52.29 10.00 -8.31
CA ASN D 215 -53.16 11.17 -8.07
C ASN D 215 -54.64 10.81 -8.26
N THR D 216 -55.04 9.65 -7.76
CA THR D 216 -56.40 9.16 -7.93
C THR D 216 -57.21 9.51 -6.68
N LYS D 217 -58.25 10.31 -6.86
CA LYS D 217 -59.08 10.78 -5.75
C LYS D 217 -60.43 10.08 -5.82
N VAL D 218 -60.64 9.12 -4.93
CA VAL D 218 -61.89 8.35 -4.87
C VAL D 218 -62.68 8.85 -3.67
N ASP D 219 -63.83 9.47 -3.94
CA ASP D 219 -64.73 9.96 -2.89
C ASP D 219 -65.85 8.93 -2.73
N LYS D 220 -65.74 8.09 -1.70
CA LYS D 220 -66.68 7.00 -1.50
C LYS D 220 -67.55 7.25 -0.27
N LYS D 221 -68.87 7.10 -0.44
CA LYS D 221 -69.77 7.17 0.69
C LYS D 221 -69.67 5.89 1.52
N VAL D 222 -69.64 6.04 2.84
CA VAL D 222 -69.53 4.91 3.74
C VAL D 222 -70.86 4.66 4.43
N SER E 1 -15.90 -15.62 7.94
CA SER E 1 -16.12 -15.60 9.38
C SER E 1 -17.53 -15.17 9.71
N ASP E 2 -18.50 -16.03 9.39
CA ASP E 2 -19.91 -15.73 9.63
C ASP E 2 -20.24 -16.02 11.09
N ILE E 3 -20.49 -14.97 11.86
CA ILE E 3 -20.79 -15.08 13.28
C ILE E 3 -22.29 -14.90 13.47
N GLN E 4 -22.94 -15.90 14.06
CA GLN E 4 -24.37 -15.83 14.32
C GLN E 4 -24.60 -15.11 15.65
N MET E 5 -25.21 -13.93 15.58
CA MET E 5 -25.46 -13.09 16.75
C MET E 5 -26.92 -13.23 17.15
N THR E 6 -27.17 -13.87 18.29
CA THR E 6 -28.52 -14.11 18.78
C THR E 6 -28.86 -13.03 19.80
N GLN E 7 -29.83 -12.19 19.47
CA GLN E 7 -30.30 -11.14 20.35
C GLN E 7 -31.58 -11.59 21.05
N SER E 8 -31.67 -11.29 22.34
CA SER E 8 -32.77 -11.77 23.16
C SER E 8 -33.12 -10.74 24.22
N PRO E 9 -34.43 -10.53 24.51
CA PRO E 9 -35.59 -11.11 23.81
C PRO E 9 -35.93 -10.37 22.53
N SER E 10 -36.90 -10.89 21.77
CA SER E 10 -37.38 -10.17 20.60
C SER E 10 -38.21 -8.96 20.99
N SER E 11 -38.87 -9.01 22.14
CA SER E 11 -39.63 -7.89 22.69
C SER E 11 -39.75 -8.10 24.18
N LEU E 12 -39.95 -6.98 24.90
CA LEU E 12 -40.13 -7.03 26.34
C LEU E 12 -41.02 -5.89 26.78
N SER E 13 -41.79 -6.13 27.84
CA SER E 13 -42.60 -5.10 28.47
C SER E 13 -41.86 -4.54 29.68
N ALA E 14 -41.98 -3.23 29.88
CA ALA E 14 -41.34 -2.55 31.00
C ALA E 14 -42.05 -1.23 31.24
N SER E 15 -41.81 -0.66 32.42
CA SER E 15 -42.34 0.64 32.79
C SER E 15 -41.21 1.67 32.79
N VAL E 16 -41.60 2.93 32.98
CA VAL E 16 -40.64 4.02 32.99
C VAL E 16 -39.82 3.97 34.27
N GLY E 17 -38.50 3.97 34.13
CA GLY E 17 -37.59 3.90 35.25
C GLY E 17 -37.03 2.53 35.55
N ASP E 18 -37.56 1.48 34.94
CA ASP E 18 -37.07 0.13 35.19
C ASP E 18 -35.71 -0.09 34.54
N ARG E 19 -34.93 -0.99 35.13
CA ARG E 19 -33.65 -1.40 34.57
C ARG E 19 -33.88 -2.53 33.57
N VAL E 20 -33.54 -2.28 32.30
CA VAL E 20 -33.80 -3.21 31.21
C VAL E 20 -32.48 -3.85 30.82
N THR E 21 -32.45 -5.18 30.77
CA THR E 21 -31.26 -5.94 30.40
C THR E 21 -31.56 -6.75 29.15
N ILE E 22 -30.83 -6.47 28.08
CA ILE E 22 -31.02 -7.14 26.79
C ILE E 22 -29.71 -7.81 26.40
N THR E 23 -29.77 -9.10 26.06
CA THR E 23 -28.55 -9.85 25.80
C THR E 23 -28.35 -10.06 24.29
N CYS E 24 -27.08 -10.14 23.90
CA CYS E 24 -26.68 -10.45 22.54
C CYS E 24 -25.50 -11.39 22.62
N ARG E 25 -25.68 -12.64 22.18
CA ARG E 25 -24.66 -13.67 22.29
C ARG E 25 -24.13 -13.99 20.90
N ALA E 26 -22.83 -13.84 20.70
CA ALA E 26 -22.20 -14.17 19.44
C ALA E 26 -21.84 -15.66 19.40
N SER E 27 -21.81 -16.20 18.19
CA SER E 27 -21.42 -17.60 18.00
C SER E 27 -19.91 -17.79 18.06
N GLN E 28 -19.14 -16.72 17.93
CA GLN E 28 -17.68 -16.78 17.97
C GLN E 28 -17.17 -15.70 18.92
N SER E 29 -15.87 -15.78 19.22
CA SER E 29 -15.28 -14.88 20.19
C SER E 29 -15.12 -13.47 19.61
N VAL E 30 -15.80 -12.51 20.21
CA VAL E 30 -15.70 -11.10 19.86
C VAL E 30 -15.15 -10.39 21.09
N SER E 31 -13.87 -10.01 21.03
CA SER E 31 -13.17 -9.54 22.22
C SER E 31 -13.66 -8.16 22.65
N SER E 32 -13.62 -7.18 21.74
CA SER E 32 -14.03 -5.82 22.07
C SER E 32 -14.95 -5.16 21.05
N ALA E 33 -15.05 -5.69 19.83
CA ALA E 33 -15.78 -5.01 18.75
C ALA E 33 -17.29 -5.25 18.90
N VAL E 34 -17.85 -4.59 19.91
CA VAL E 34 -19.28 -4.68 20.22
C VAL E 34 -19.87 -3.28 20.12
N ALA E 35 -20.95 -3.13 19.36
CA ALA E 35 -21.64 -1.86 19.24
C ALA E 35 -23.13 -2.08 19.38
N TRP E 36 -23.83 -1.04 19.83
CA TRP E 36 -25.27 -1.08 19.98
C TRP E 36 -25.87 0.19 19.42
N TYR E 37 -26.89 0.03 18.58
CA TYR E 37 -27.57 1.14 17.92
C TYR E 37 -29.04 1.15 18.31
N GLN E 38 -29.65 2.33 18.19
CA GLN E 38 -31.06 2.55 18.49
C GLN E 38 -31.75 3.13 17.26
N GLN E 39 -32.77 2.43 16.77
CA GLN E 39 -33.55 2.85 15.62
C GLN E 39 -34.98 3.13 16.05
N LYS E 40 -35.51 4.28 15.62
CA LYS E 40 -36.88 4.70 15.79
C LYS E 40 -37.71 4.30 14.57
N PRO E 41 -39.03 4.16 14.72
CA PRO E 41 -39.89 3.90 13.56
C PRO E 41 -39.89 5.06 12.57
N GLY E 42 -39.46 4.78 11.35
CA GLY E 42 -39.40 5.78 10.29
C GLY E 42 -38.20 6.69 10.34
N LYS E 43 -37.27 6.46 11.26
CA LYS E 43 -36.11 7.32 11.43
C LYS E 43 -34.82 6.52 11.23
N ALA E 44 -33.75 7.23 10.90
CA ALA E 44 -32.44 6.62 10.80
C ALA E 44 -31.93 6.22 12.18
N PRO E 45 -31.16 5.14 12.28
CA PRO E 45 -30.62 4.74 13.57
C PRO E 45 -29.44 5.61 13.99
N LYS E 46 -29.24 5.68 15.30
CA LYS E 46 -28.12 6.39 15.91
C LYS E 46 -27.24 5.39 16.65
N LEU E 47 -25.98 5.80 16.86
CA LEU E 47 -25.02 4.97 17.58
C LEU E 47 -25.11 5.28 19.07
N LEU E 48 -25.40 4.26 19.88
CA LEU E 48 -25.49 4.41 21.32
C LEU E 48 -24.22 3.93 22.03
N ILE E 49 -23.86 2.66 21.86
CA ILE E 49 -22.79 2.04 22.62
C ILE E 49 -21.70 1.60 21.67
N TYR E 50 -20.45 1.79 22.07
CA TYR E 50 -19.31 1.48 21.21
C TYR E 50 -18.19 0.83 22.01
N SER E 51 -17.60 -0.22 21.43
CA SER E 51 -16.48 -1.00 21.97
C SER E 51 -16.77 -1.59 23.36
N ALA E 52 -18.06 -1.87 23.63
CA ALA E 52 -18.58 -2.64 24.77
C ALA E 52 -18.39 -1.98 26.14
N SER E 53 -17.65 -0.88 26.21
CA SER E 53 -17.45 -0.16 27.47
C SER E 53 -17.52 1.35 27.33
N SER E 54 -17.29 1.91 26.15
CA SER E 54 -17.23 3.36 25.98
C SER E 54 -18.59 3.91 25.61
N LEU E 55 -19.02 4.94 26.33
CA LEU E 55 -20.25 5.64 26.00
C LEU E 55 -20.00 6.66 24.90
N TYR E 56 -20.77 6.56 23.83
CA TYR E 56 -20.64 7.48 22.71
C TYR E 56 -21.08 8.89 23.11
N SER E 57 -20.41 9.89 22.54
CA SER E 57 -20.71 11.28 22.84
C SER E 57 -22.12 11.66 22.41
N GLY E 58 -22.82 12.38 23.28
CA GLY E 58 -24.20 12.75 23.05
C GLY E 58 -25.22 11.76 23.55
N VAL E 59 -24.78 10.58 24.00
CA VAL E 59 -25.69 9.55 24.52
C VAL E 59 -25.80 9.74 26.03
N PRO E 60 -27.01 9.71 26.60
CA PRO E 60 -27.15 9.84 28.05
C PRO E 60 -26.51 8.68 28.81
N SER E 61 -26.11 8.97 30.06
CA SER E 61 -25.34 8.06 30.88
C SER E 61 -26.12 6.83 31.34
N ARG E 62 -27.45 6.81 31.17
CA ARG E 62 -28.26 5.70 31.65
C ARG E 62 -28.05 4.40 30.88
N PHE E 63 -27.39 4.44 29.72
CA PHE E 63 -27.13 3.26 28.91
C PHE E 63 -25.73 2.76 29.20
N SER E 64 -25.61 1.48 29.58
CA SER E 64 -24.33 0.87 29.85
C SER E 64 -24.40 -0.60 29.46
N GLY E 65 -23.40 -1.37 29.87
CA GLY E 65 -23.41 -2.78 29.54
C GLY E 65 -22.09 -3.42 29.88
N SER E 66 -22.07 -4.75 29.77
CA SER E 66 -20.88 -5.52 30.10
C SER E 66 -20.87 -6.82 29.30
N ARG E 67 -19.68 -7.39 29.18
CA ARG E 67 -19.47 -8.59 28.37
C ARG E 67 -18.96 -9.73 29.24
N SER E 68 -19.50 -10.92 29.00
CA SER E 68 -19.03 -12.16 29.62
C SER E 68 -18.90 -13.19 28.51
N GLY E 69 -17.65 -13.56 28.19
CA GLY E 69 -17.39 -14.46 27.09
C GLY E 69 -17.79 -13.83 25.78
N THR E 70 -18.75 -14.45 25.10
CA THR E 70 -19.33 -13.92 23.87
C THR E 70 -20.68 -13.26 24.09
N ASP E 71 -21.16 -13.21 25.33
CA ASP E 71 -22.50 -12.70 25.63
C ASP E 71 -22.39 -11.29 26.21
N PHE E 72 -22.95 -10.31 25.52
CA PHE E 72 -22.96 -8.94 25.99
C PHE E 72 -24.35 -8.58 26.49
N THR E 73 -24.40 -7.87 27.62
CA THR E 73 -25.65 -7.40 28.20
C THR E 73 -25.68 -5.88 28.15
N LEU E 74 -26.74 -5.34 27.54
CA LEU E 74 -27.02 -3.92 27.54
C LEU E 74 -27.98 -3.61 28.67
N THR E 75 -27.58 -2.69 29.55
CA THR E 75 -28.31 -2.35 30.76
C THR E 75 -28.78 -0.90 30.68
N ILE E 76 -30.08 -0.70 30.93
CA ILE E 76 -30.67 0.63 31.07
C ILE E 76 -31.08 0.78 32.52
N SER E 77 -30.37 1.65 33.25
CA SER E 77 -30.61 1.82 34.67
C SER E 77 -31.94 2.52 34.96
N SER E 78 -32.38 3.39 34.05
CA SER E 78 -33.62 4.14 34.25
C SER E 78 -34.24 4.34 32.87
N LEU E 79 -35.25 3.51 32.56
CA LEU E 79 -35.90 3.55 31.25
C LEU E 79 -36.70 4.84 31.10
N GLN E 80 -36.54 5.49 29.96
CA GLN E 80 -37.20 6.74 29.64
C GLN E 80 -38.35 6.51 28.66
N PRO E 81 -39.34 7.40 28.62
CA PRO E 81 -40.42 7.26 27.62
C PRO E 81 -39.95 7.40 26.18
N GLU E 82 -38.88 8.15 25.93
CA GLU E 82 -38.36 8.32 24.59
C GLU E 82 -37.46 7.17 24.15
N ASP E 83 -37.17 6.22 25.04
CA ASP E 83 -36.31 5.08 24.72
C ASP E 83 -37.08 3.89 24.16
N PHE E 84 -38.39 4.03 23.94
CA PHE E 84 -39.24 2.93 23.48
C PHE E 84 -39.05 2.72 21.98
N ALA E 85 -37.89 2.16 21.64
CA ALA E 85 -37.45 2.04 20.25
C ALA E 85 -36.86 0.64 20.06
N THR E 86 -36.21 0.44 18.91
CA THR E 86 -35.63 -0.85 18.55
C THR E 86 -34.12 -0.79 18.78
N TYR E 87 -33.58 -1.82 19.42
CA TYR E 87 -32.15 -1.87 19.73
C TYR E 87 -31.49 -2.98 18.91
N TYR E 88 -30.30 -2.68 18.40
CA TYR E 88 -29.53 -3.62 17.60
C TYR E 88 -28.13 -3.78 18.18
N CYS E 89 -27.64 -5.02 18.23
CA CYS E 89 -26.25 -5.29 18.52
C CYS E 89 -25.49 -5.59 17.22
N GLN E 90 -24.20 -5.31 17.22
CA GLN E 90 -23.42 -5.33 15.99
C GLN E 90 -21.95 -5.59 16.29
N GLN E 91 -21.30 -6.32 15.39
CA GLN E 91 -19.85 -6.53 15.44
C GLN E 91 -19.21 -5.90 14.21
N TYR E 92 -17.96 -5.48 14.37
CA TYR E 92 -17.25 -4.77 13.30
C TYR E 92 -15.80 -5.21 13.19
N LYS E 93 -15.51 -6.48 13.48
CA LYS E 93 -14.15 -6.99 13.46
C LYS E 93 -13.88 -7.97 12.32
N TYR E 94 -14.84 -8.83 11.99
CA TYR E 94 -14.62 -9.90 11.03
C TYR E 94 -15.44 -9.66 9.77
N VAL E 95 -14.94 -10.19 8.66
CA VAL E 95 -15.61 -10.13 7.36
C VAL E 95 -16.24 -11.49 7.11
N PRO E 96 -17.55 -11.58 6.83
CA PRO E 96 -18.55 -10.53 6.61
C PRO E 96 -19.09 -9.89 7.90
N VAL E 97 -19.70 -8.72 7.74
CA VAL E 97 -20.25 -7.96 8.86
C VAL E 97 -21.65 -8.50 9.17
N THR E 98 -21.89 -8.83 10.44
CA THR E 98 -23.14 -9.43 10.87
C THR E 98 -23.87 -8.48 11.81
N PHE E 99 -25.07 -8.87 12.21
CA PHE E 99 -25.98 -7.99 12.92
C PHE E 99 -26.94 -8.82 13.76
N GLY E 100 -27.70 -8.15 14.61
CA GLY E 100 -28.62 -8.79 15.53
C GLY E 100 -29.99 -9.04 14.93
N GLN E 101 -30.98 -9.15 15.81
CA GLN E 101 -32.36 -9.39 15.39
C GLN E 101 -33.30 -8.23 15.68
N GLY E 102 -33.06 -7.45 16.73
CA GLY E 102 -33.91 -6.33 17.04
C GLY E 102 -34.83 -6.56 18.23
N THR E 103 -34.64 -5.78 19.28
CA THR E 103 -35.46 -5.87 20.49
C THR E 103 -36.28 -4.58 20.62
N LYS E 104 -37.60 -4.73 20.63
CA LYS E 104 -38.51 -3.60 20.79
C LYS E 104 -38.96 -3.52 22.25
N VAL E 105 -38.81 -2.33 22.84
CA VAL E 105 -39.20 -2.11 24.22
C VAL E 105 -40.64 -1.63 24.24
N GLU E 106 -41.50 -2.37 24.93
CA GLU E 106 -42.93 -2.08 25.00
C GLU E 106 -43.29 -1.63 26.41
N ILE E 107 -44.42 -0.94 26.51
CA ILE E 107 -44.91 -0.44 27.80
C ILE E 107 -45.62 -1.57 28.52
N LYS E 108 -45.21 -1.82 29.76
CA LYS E 108 -45.89 -2.82 30.59
C LYS E 108 -47.22 -2.27 31.06
N ARG E 109 -48.31 -2.98 30.74
CA ARG E 109 -49.65 -2.54 31.07
C ARG E 109 -50.44 -3.72 31.64
N THR E 110 -51.64 -3.42 32.12
CA THR E 110 -52.52 -4.45 32.63
C THR E 110 -53.21 -5.17 31.48
N VAL E 111 -53.72 -6.37 31.78
CA VAL E 111 -54.42 -7.18 30.79
C VAL E 111 -55.81 -6.61 30.58
N ALA E 112 -56.19 -6.40 29.33
CA ALA E 112 -57.49 -5.85 28.97
C ALA E 112 -58.14 -6.74 27.93
N ALA E 113 -59.41 -7.07 28.15
CA ALA E 113 -60.15 -7.88 27.19
C ALA E 113 -60.42 -7.07 25.92
N PRO E 114 -60.29 -7.68 24.75
CA PRO E 114 -60.52 -6.95 23.50
C PRO E 114 -61.99 -6.70 23.23
N SER E 115 -62.26 -5.57 22.57
CA SER E 115 -63.56 -5.30 21.97
C SER E 115 -63.52 -5.85 20.55
N VAL E 116 -64.29 -6.90 20.30
CA VAL E 116 -64.26 -7.63 19.03
C VAL E 116 -65.47 -7.23 18.19
N PHE E 117 -65.21 -6.83 16.95
CA PHE E 117 -66.24 -6.41 16.02
C PHE E 117 -66.16 -7.27 14.76
N ILE E 118 -67.30 -7.81 14.35
CA ILE E 118 -67.38 -8.72 13.21
C ILE E 118 -67.98 -7.96 12.04
N PHE E 119 -67.29 -7.99 10.90
CA PHE E 119 -67.72 -7.28 9.70
C PHE E 119 -67.98 -8.31 8.59
N PRO E 120 -69.23 -8.48 8.19
CA PRO E 120 -69.58 -9.44 7.11
C PRO E 120 -69.09 -8.97 5.75
N PRO E 121 -69.12 -9.82 4.73
CA PRO E 121 -68.75 -9.38 3.39
C PRO E 121 -69.73 -8.37 2.81
N SER E 122 -69.23 -7.58 1.87
CA SER E 122 -70.00 -6.55 1.18
C SER E 122 -70.38 -7.03 -0.23
N ASP E 123 -71.27 -6.25 -0.86
CA ASP E 123 -71.71 -6.55 -2.22
C ASP E 123 -70.56 -6.43 -3.22
N SER E 124 -69.70 -5.43 -3.04
CA SER E 124 -68.55 -5.23 -3.93
C SER E 124 -67.57 -6.39 -3.86
N GLN E 125 -67.31 -6.89 -2.65
CA GLN E 125 -66.41 -8.04 -2.47
C GLN E 125 -67.01 -9.29 -3.11
N LEU E 126 -68.32 -9.47 -2.99
CA LEU E 126 -68.99 -10.59 -3.65
C LEU E 126 -68.92 -10.46 -5.17
N LYS E 127 -69.08 -9.25 -5.69
CA LYS E 127 -69.01 -9.02 -7.13
C LYS E 127 -67.58 -8.67 -7.55
N ALA E 131 -65.22 -13.34 -1.27
CA ALA E 131 -65.72 -12.70 -0.07
C ALA E 131 -64.57 -12.39 0.90
N SER E 132 -64.87 -11.63 1.95
CA SER E 132 -63.92 -11.44 3.04
C SER E 132 -64.69 -11.04 4.28
N VAL E 133 -64.20 -11.48 5.44
CA VAL E 133 -64.76 -11.08 6.72
C VAL E 133 -63.67 -10.39 7.52
N VAL E 134 -64.07 -9.49 8.42
CA VAL E 134 -63.12 -8.68 9.16
C VAL E 134 -63.39 -8.82 10.66
N CYS E 135 -62.33 -9.07 11.43
CA CYS E 135 -62.38 -9.03 12.89
C CYS E 135 -61.57 -7.83 13.35
N LEU E 136 -62.21 -6.90 14.04
CA LEU E 136 -61.57 -5.71 14.59
C LEU E 136 -61.44 -5.87 16.10
N LEU E 137 -60.21 -5.86 16.60
CA LEU E 137 -59.94 -6.02 18.03
C LEU E 137 -59.40 -4.70 18.56
N ASN E 138 -60.21 -4.01 19.36
CA ASN E 138 -59.88 -2.70 19.89
C ASN E 138 -59.61 -2.76 21.38
N ASN E 139 -58.62 -1.97 21.82
CA ASN E 139 -58.36 -1.64 23.23
C ASN E 139 -58.05 -2.88 24.06
N PHE E 140 -56.96 -3.56 23.69
CA PHE E 140 -56.55 -4.78 24.36
C PHE E 140 -55.06 -4.74 24.67
N TYR E 141 -54.64 -5.65 25.56
CA TYR E 141 -53.26 -5.87 25.94
C TYR E 141 -53.17 -7.23 26.60
N PRO E 142 -52.14 -8.04 26.29
CA PRO E 142 -51.03 -7.81 25.36
C PRO E 142 -51.40 -8.07 23.90
N ARG E 143 -50.39 -8.05 23.02
CA ARG E 143 -50.61 -8.23 21.60
C ARG E 143 -51.13 -9.62 21.26
N GLU E 144 -50.75 -10.63 22.04
CA GLU E 144 -51.17 -12.00 21.78
C GLU E 144 -52.61 -12.19 22.28
N ALA E 145 -53.51 -12.52 21.35
CA ALA E 145 -54.91 -12.71 21.68
C ALA E 145 -55.53 -13.67 20.67
N LYS E 146 -56.60 -14.34 21.09
CA LYS E 146 -57.30 -15.30 20.25
C LYS E 146 -58.37 -14.59 19.43
N VAL E 147 -58.34 -14.80 18.12
CA VAL E 147 -59.34 -14.26 17.20
C VAL E 147 -60.36 -15.35 16.90
N GLN E 148 -61.62 -15.11 17.25
CA GLN E 148 -62.70 -16.06 17.05
C GLN E 148 -63.52 -15.61 15.85
N TRP E 149 -63.47 -16.39 14.77
CA TRP E 149 -64.21 -16.07 13.56
C TRP E 149 -65.67 -16.50 13.69
N LYS E 150 -66.56 -15.71 13.09
CA LYS E 150 -67.99 -16.01 13.09
C LYS E 150 -68.28 -17.00 11.97
N VAL E 151 -68.38 -18.27 12.32
CA VAL E 151 -68.54 -19.36 11.35
C VAL E 151 -69.05 -20.60 12.05
N GLN E 156 -61.85 -24.73 10.23
CA GLN E 156 -61.21 -24.37 8.97
C GLN E 156 -60.64 -22.96 9.04
N SER E 157 -59.37 -22.82 8.67
CA SER E 157 -58.68 -21.53 8.67
C SER E 157 -58.34 -21.13 7.24
N GLY E 158 -58.79 -19.94 6.85
CA GLY E 158 -58.50 -19.40 5.54
C GLY E 158 -57.27 -18.50 5.57
N ASN E 159 -57.11 -17.74 4.49
CA ASN E 159 -56.00 -16.81 4.35
C ASN E 159 -56.43 -15.48 4.97
N SER E 160 -55.81 -15.13 6.10
CA SER E 160 -56.15 -13.91 6.81
C SER E 160 -54.91 -13.05 6.98
N GLN E 161 -55.01 -11.78 6.59
CA GLN E 161 -53.92 -10.82 6.70
C GLN E 161 -54.13 -9.99 7.95
N GLU E 162 -53.57 -10.47 9.07
CA GLU E 162 -53.65 -9.75 10.33
C GLU E 162 -52.75 -8.52 10.28
N SER E 163 -53.32 -7.34 10.53
CA SER E 163 -52.57 -6.10 10.57
C SER E 163 -52.65 -5.52 11.97
N VAL E 164 -51.50 -5.10 12.49
CA VAL E 164 -51.39 -4.54 13.83
C VAL E 164 -50.83 -3.13 13.72
N THR E 165 -51.38 -2.21 14.51
CA THR E 165 -50.92 -0.83 14.55
C THR E 165 -49.74 -0.67 15.50
N GLU E 166 -49.09 0.48 15.40
CA GLU E 166 -48.19 0.92 16.46
C GLU E 166 -48.99 1.20 17.73
N GLN E 167 -48.31 1.04 18.88
CA GLN E 167 -48.93 1.23 20.18
C GLN E 167 -49.46 2.66 20.35
N ASP E 168 -50.78 2.77 20.56
CA ASP E 168 -51.44 4.06 20.57
C ASP E 168 -51.22 4.71 21.94
N SER E 169 -50.48 5.81 21.95
CA SER E 169 -49.99 6.46 23.17
C SER E 169 -51.09 7.06 24.04
N LYS E 170 -52.32 7.15 23.53
CA LYS E 170 -53.42 7.68 24.33
C LYS E 170 -53.77 6.77 25.49
N ASP E 171 -53.70 5.45 25.28
CA ASP E 171 -54.01 4.51 26.36
C ASP E 171 -53.12 3.29 26.42
N SER E 172 -52.01 3.24 25.66
CA SER E 172 -51.03 2.14 25.65
C SER E 172 -51.65 0.79 25.29
N THR E 173 -52.74 0.80 24.54
CA THR E 173 -53.41 -0.42 24.10
C THR E 173 -53.03 -0.72 22.65
N TYR E 174 -53.55 -1.84 22.15
CA TYR E 174 -53.27 -2.31 20.80
C TYR E 174 -54.58 -2.40 20.01
N SER E 175 -54.44 -2.53 18.70
CA SER E 175 -55.59 -2.69 17.82
C SER E 175 -55.19 -3.63 16.69
N LEU E 176 -56.06 -4.60 16.40
CA LEU E 176 -55.82 -5.56 15.32
C LEU E 176 -56.96 -5.49 14.31
N SER E 177 -56.60 -5.69 13.04
CA SER E 177 -57.59 -5.87 11.97
C SER E 177 -57.22 -7.14 11.22
N SER E 178 -58.02 -8.19 11.39
CA SER E 178 -57.79 -9.46 10.73
C SER E 178 -58.81 -9.63 9.60
N THR E 179 -58.32 -9.65 8.36
CA THR E 179 -59.17 -9.80 7.19
C THR E 179 -58.98 -11.20 6.63
N LEU E 180 -60.04 -11.99 6.65
CA LEU E 180 -60.02 -13.37 6.17
C LEU E 180 -60.68 -13.40 4.79
N THR E 181 -59.89 -13.71 3.76
CA THR E 181 -60.38 -13.84 2.40
C THR E 181 -61.01 -15.22 2.22
N LEU E 182 -62.23 -15.25 1.69
CA LEU E 182 -63.04 -16.44 1.59
C LEU E 182 -63.63 -16.54 0.19
N SER E 183 -64.27 -17.66 -0.08
CA SER E 183 -64.96 -17.88 -1.35
C SER E 183 -66.42 -17.48 -1.24
N LYS E 184 -67.11 -17.56 -2.39
CA LYS E 184 -68.55 -17.28 -2.42
C LYS E 184 -69.35 -18.29 -1.62
N ALA E 185 -68.91 -19.54 -1.56
CA ALA E 185 -69.58 -20.56 -0.77
C ALA E 185 -69.50 -20.30 0.74
N ASP E 186 -68.50 -19.55 1.20
CA ASP E 186 -68.35 -19.24 2.61
C ASP E 186 -69.17 -18.04 3.06
N TYR E 187 -69.83 -17.35 2.13
CA TYR E 187 -70.67 -16.21 2.47
C TYR E 187 -71.84 -16.62 3.35
N GLU E 188 -72.50 -17.73 3.01
CA GLU E 188 -73.62 -18.19 3.82
C GLU E 188 -73.14 -18.79 5.13
N LYS E 189 -71.93 -19.36 5.16
CA LYS E 189 -71.39 -19.91 6.39
C LYS E 189 -71.01 -18.80 7.37
N HIS E 190 -70.46 -17.70 6.87
CA HIS E 190 -70.03 -16.59 7.71
C HIS E 190 -71.09 -15.50 7.76
#